data_6T5M
#
_entry.id   6T5M
#
_cell.length_a   153.490
_cell.length_b   59.400
_cell.length_c   147.650
_cell.angle_alpha   90.000
_cell.angle_beta   120.300
_cell.angle_gamma   90.000
#
_symmetry.space_group_name_H-M   'C 1 2 1'
#
loop_
_entity.id
_entity.type
_entity.pdbx_description
1 polymer '2-methylisocitrate lyase'
2 non-polymer 'MAGNESIUM ION'
3 non-polymer 'PYRUVIC ACID'
4 water water
#
_entity_poly.entity_id   1
_entity_poly.type   'polypeptide(L)'
_entity_poly.pdbx_seq_one_letter_code
;MSQTSLTPGQRFREAVATEHPLQVVGTINANHALLAKRAGFKAIYLSGGGVAAGSLGLPDLGISGLDDVLTDVRRITDVC
DLPLLVDVDTGFGSSAFNVARTVKSMIKFGAAAMHIEDQVGAKRCGHRPNKEIVSQQEMVDRIKAAVDARSDDSFVIMAR
TDALAVEGLQAAIDRACACVEAGADMIFPEAMTELAMYKEFAAAVKVPVLANITEFGATPLFTTDELASADVSLVLYPLS
AFRAMNKAAENVYTAIRRDGTQKNVIDTMQTRMELYDRIDYHSFEQKLDALFAQKKNA
;
_entity_poly.pdbx_strand_id   C,A,D,B
#
# COMPACT_ATOMS: atom_id res chain seq x y z
N SER A 5 19.64 19.95 2.73
CA SER A 5 18.79 21.14 2.98
C SER A 5 17.91 20.91 4.22
N LEU A 6 16.95 21.81 4.41
CA LEU A 6 16.10 21.79 5.63
C LEU A 6 15.26 20.53 5.72
N THR A 7 14.99 20.10 6.95
CA THR A 7 14.01 19.00 7.11
C THR A 7 12.59 19.57 6.95
N PRO A 8 11.56 18.77 6.64
CA PRO A 8 10.20 19.28 6.54
C PRO A 8 9.75 20.08 7.78
N GLY A 9 10.10 19.61 8.97
CA GLY A 9 9.70 20.23 10.23
C GLY A 9 10.44 21.56 10.38
N GLN A 10 11.67 21.61 9.90
CA GLN A 10 12.45 22.86 9.92
C GLN A 10 11.77 23.85 8.98
N ARG A 11 11.34 23.40 7.82
CA ARG A 11 10.65 24.32 6.89
C ARG A 11 9.33 24.80 7.52
N PHE A 12 8.68 23.95 8.30
CA PHE A 12 7.38 24.33 8.90
C PHE A 12 7.66 25.39 9.96
N ARG A 13 8.68 25.15 10.80
CA ARG A 13 9.08 26.13 11.86
C ARG A 13 9.50 27.48 11.23
N GLU A 14 10.28 27.47 10.15
CA GLU A 14 10.72 28.69 9.44
C GLU A 14 9.52 29.45 8.83
N ALA A 15 8.54 28.71 8.35
CA ALA A 15 7.33 29.33 7.77
C ALA A 15 6.58 30.06 8.87
N VAL A 16 6.41 29.41 10.02
CA VAL A 16 5.72 30.04 11.17
C VAL A 16 6.55 31.23 11.64
N ALA A 17 7.87 31.12 11.60
CA ALA A 17 8.77 32.22 12.03
C ALA A 17 8.72 33.40 11.06
N THR A 18 8.30 33.23 9.82
CA THR A 18 8.41 34.33 8.83
C THR A 18 7.10 34.79 8.22
N GLU A 19 5.98 34.32 8.71
CA GLU A 19 4.63 34.66 8.21
C GLU A 19 3.72 34.80 9.44
N HIS A 20 3.03 35.92 9.53
CA HIS A 20 2.32 36.33 10.76
C HIS A 20 0.89 36.82 10.47
N PRO A 21 -0.15 35.97 10.48
CA PRO A 21 -0.01 34.55 10.66
C PRO A 21 0.34 33.78 9.39
N LEU A 22 0.80 32.55 9.58
CA LEU A 22 1.13 31.64 8.48
C LEU A 22 -0.15 31.01 7.94
N GLN A 23 -0.43 31.28 6.68
CA GLN A 23 -1.60 30.68 5.99
C GLN A 23 -1.18 29.26 5.61
N VAL A 24 -1.97 28.29 6.01
CA VAL A 24 -1.76 26.84 5.77
C VAL A 24 -3.03 26.35 5.03
N VAL A 25 -2.89 25.94 3.78
CA VAL A 25 -4.09 25.60 2.96
C VAL A 25 -4.16 24.09 2.80
N GLY A 26 -5.37 23.51 2.93
CA GLY A 26 -5.63 22.08 2.65
C GLY A 26 -5.42 21.82 1.20
N THR A 27 -4.71 20.72 0.90
CA THR A 27 -4.40 20.16 -0.40
C THR A 27 -4.93 18.73 -0.41
N ILE A 28 -5.96 18.48 -1.18
CA ILE A 28 -6.64 17.16 -1.19
C ILE A 28 -5.74 16.12 -1.86
N ASN A 29 -4.82 16.51 -2.72
CA ASN A 29 -3.95 15.60 -3.47
C ASN A 29 -2.67 16.32 -3.91
N ALA A 30 -1.79 15.57 -4.54
CA ALA A 30 -0.48 16.05 -5.00
C ALA A 30 -0.64 17.19 -6.01
N ASN A 31 -1.60 17.08 -6.92
CA ASN A 31 -1.83 18.14 -7.93
C ASN A 31 -2.11 19.48 -7.24
N HIS A 32 -2.95 19.49 -6.20
CA HIS A 32 -3.39 20.74 -5.54
C HIS A 32 -2.28 21.25 -4.61
N ALA A 33 -1.45 20.37 -4.05
CA ALA A 33 -0.19 20.76 -3.38
C ALA A 33 0.64 21.62 -4.34
N LEU A 34 0.76 21.22 -5.62
CA LEU A 34 1.56 22.03 -6.57
C LEU A 34 0.84 23.36 -6.86
N LEU A 35 -0.48 23.35 -7.02
CA LEU A 35 -1.23 24.64 -7.17
C LEU A 35 -1.00 25.56 -5.96
N ALA A 36 -0.99 25.05 -4.72
CA ALA A 36 -0.81 25.89 -3.52
C ALA A 36 0.60 26.51 -3.56
N LYS A 37 1.58 25.74 -4.01
CA LYS A 37 2.98 26.18 -4.02
C LYS A 37 3.09 27.30 -5.05
N ARG A 38 2.43 27.12 -6.19
CA ARG A 38 2.42 28.14 -7.28
C ARG A 38 1.73 29.41 -6.77
N ALA A 39 0.66 29.30 -5.97
CA ALA A 39 -0.10 30.43 -5.41
C ALA A 39 0.74 31.20 -4.38
N GLY A 40 1.85 30.63 -3.90
CA GLY A 40 2.82 31.31 -3.01
C GLY A 40 2.71 30.89 -1.55
N PHE A 41 1.87 29.91 -1.20
CA PHE A 41 1.80 29.40 0.19
C PHE A 41 3.13 28.75 0.61
N LYS A 42 3.46 28.88 1.89
CA LYS A 42 4.70 28.33 2.48
C LYS A 42 4.43 27.03 3.22
N ALA A 43 3.18 26.65 3.38
CA ALA A 43 2.81 25.44 4.12
C ALA A 43 1.45 24.94 3.64
N ILE A 44 1.31 23.64 3.76
CA ILE A 44 0.07 22.93 3.28
C ILE A 44 -0.41 21.91 4.31
N TYR A 45 -1.63 21.43 4.12
CA TYR A 45 -2.33 20.67 5.15
C TYR A 45 -3.00 19.45 4.53
N LEU A 46 -2.94 18.32 5.26
CA LEU A 46 -3.69 17.10 4.87
C LEU A 46 -4.79 16.87 5.89
N SER A 47 -5.98 17.33 5.53
CA SER A 47 -7.24 17.23 6.29
C SER A 47 -7.58 15.75 6.44
N GLY A 48 -7.90 15.27 7.64
CA GLY A 48 -8.42 13.91 7.77
C GLY A 48 -9.84 13.80 7.27
N GLY A 49 -10.64 14.85 7.40
CA GLY A 49 -11.97 14.92 6.78
C GLY A 49 -11.83 14.81 5.27
N GLY A 50 -10.81 15.42 4.70
CA GLY A 50 -10.55 15.39 3.27
C GLY A 50 -10.02 14.03 2.83
N VAL A 51 -9.17 13.34 3.61
CA VAL A 51 -8.75 11.96 3.24
C VAL A 51 -10.01 11.11 3.23
N ALA A 52 -10.88 11.23 4.23
CA ALA A 52 -12.11 10.40 4.27
C ALA A 52 -13.03 10.78 3.11
N ALA A 53 -13.39 12.06 2.99
CA ALA A 53 -14.48 12.45 2.06
C ALA A 53 -13.97 12.48 0.61
N GLY A 54 -12.71 12.83 0.40
CA GLY A 54 -12.14 13.00 -0.95
C GLY A 54 -11.49 11.72 -1.46
N SER A 55 -10.48 11.22 -0.75
CA SER A 55 -9.78 9.96 -1.11
C SER A 55 -10.72 8.74 -0.94
N LEU A 56 -11.51 8.65 0.14
CA LEU A 56 -12.28 7.40 0.40
C LEU A 56 -13.76 7.57 0.09
N GLY A 57 -14.26 8.78 -0.12
CA GLY A 57 -15.70 9.00 -0.35
C GLY A 57 -16.54 8.62 0.88
N LEU A 58 -15.98 8.81 2.07
CA LEU A 58 -16.56 8.42 3.39
C LEU A 58 -16.73 9.65 4.29
N PRO A 59 -17.68 9.60 5.24
CA PRO A 59 -17.77 10.63 6.28
C PRO A 59 -16.55 10.60 7.23
N ASP A 60 -16.30 11.70 7.91
CA ASP A 60 -15.17 11.90 8.86
C ASP A 60 -15.54 11.30 10.23
N LEU A 61 -15.74 9.98 10.28
CA LEU A 61 -16.26 9.26 11.47
C LEU A 61 -15.24 8.20 11.92
N GLY A 62 -13.93 8.44 11.71
CA GLY A 62 -12.82 7.56 12.14
C GLY A 62 -12.82 6.19 11.45
N ILE A 63 -13.29 6.13 10.20
CA ILE A 63 -13.20 4.91 9.35
C ILE A 63 -11.82 4.89 8.69
N SER A 64 -11.44 6.00 8.05
CA SER A 64 -10.07 6.32 7.56
C SER A 64 -9.04 5.97 8.63
N GLY A 65 -7.90 5.39 8.24
CA GLY A 65 -6.84 4.89 9.14
C GLY A 65 -5.48 5.40 8.73
N LEU A 66 -4.44 5.05 9.49
CA LEU A 66 -3.06 5.57 9.26
C LEU A 66 -2.68 5.35 7.79
N ASP A 67 -2.96 4.17 7.24
CA ASP A 67 -2.53 3.74 5.89
C ASP A 67 -3.19 4.60 4.80
N ASP A 68 -4.47 5.00 4.97
CA ASP A 68 -5.17 5.90 4.02
C ASP A 68 -4.44 7.26 4.01
N VAL A 69 -4.08 7.74 5.19
CA VAL A 69 -3.45 9.08 5.37
C VAL A 69 -2.02 9.04 4.80
N LEU A 70 -1.25 7.99 5.13
CA LEU A 70 0.16 7.81 4.71
C LEU A 70 0.24 7.75 3.18
N THR A 71 -0.69 7.06 2.53
CA THR A 71 -0.74 7.07 1.06
C THR A 71 -0.74 8.52 0.56
N ASP A 72 -1.61 9.37 1.08
CA ASP A 72 -1.75 10.76 0.59
C ASP A 72 -0.53 11.56 1.07
N VAL A 73 -0.01 11.30 2.26
CA VAL A 73 1.23 12.01 2.69
C VAL A 73 2.36 11.74 1.66
N ARG A 74 2.60 10.49 1.31
CA ARG A 74 3.70 10.10 0.41
C ARG A 74 3.46 10.71 -0.98
N ARG A 75 2.24 10.65 -1.53
CA ARG A 75 1.96 11.23 -2.86
C ARG A 75 2.31 12.72 -2.87
N ILE A 76 1.84 13.44 -1.87
CA ILE A 76 2.06 14.90 -1.81
C ILE A 76 3.55 15.17 -1.66
N THR A 77 4.19 14.55 -0.67
CA THR A 77 5.57 14.96 -0.29
C THR A 77 6.63 14.45 -1.27
N ASP A 78 6.34 13.41 -2.05
CA ASP A 78 7.21 12.94 -3.15
C ASP A 78 7.36 14.06 -4.20
N VAL A 79 6.35 14.89 -4.45
N VAL A 79 6.35 14.89 -4.42
CA VAL A 79 6.46 15.90 -5.56
CA VAL A 79 6.46 15.87 -5.54
C VAL A 79 6.48 17.34 -5.06
C VAL A 79 6.45 17.35 -5.08
N CYS A 80 6.01 17.64 -3.86
CA CYS A 80 5.92 19.02 -3.35
C CYS A 80 6.80 19.15 -2.10
N ASP A 81 7.67 20.14 -2.06
CA ASP A 81 8.64 20.29 -0.94
C ASP A 81 8.09 21.23 0.16
N LEU A 82 6.87 21.72 0.01
CA LEU A 82 6.28 22.58 1.04
C LEU A 82 6.03 21.71 2.26
N PRO A 83 6.22 22.25 3.47
CA PRO A 83 5.96 21.49 4.68
C PRO A 83 4.46 21.19 4.75
N LEU A 84 4.17 19.94 5.10
CA LEU A 84 2.82 19.38 5.17
C LEU A 84 2.48 19.05 6.63
N LEU A 85 1.51 19.76 7.17
CA LEU A 85 0.86 19.49 8.45
C LEU A 85 -0.18 18.39 8.20
N VAL A 86 -0.21 17.34 9.03
CA VAL A 86 -1.11 16.18 8.80
C VAL A 86 -2.02 15.99 9.99
N ASP A 87 -3.32 15.93 9.73
CA ASP A 87 -4.31 15.50 10.74
C ASP A 87 -4.10 14.01 11.03
N VAL A 88 -3.79 13.66 12.28
CA VAL A 88 -3.63 12.22 12.67
C VAL A 88 -4.74 11.81 13.64
N ASP A 89 -5.84 12.57 13.69
CA ASP A 89 -6.99 12.22 14.56
C ASP A 89 -6.48 12.11 16.00
N THR A 90 -6.71 10.96 16.63
CA THR A 90 -6.23 10.73 18.02
C THR A 90 -4.95 9.88 18.03
N GLY A 91 -4.35 9.62 16.86
CA GLY A 91 -3.12 8.82 16.78
C GLY A 91 -3.31 7.43 16.18
N PHE A 92 -4.52 7.10 15.76
CA PHE A 92 -4.84 5.82 15.06
C PHE A 92 -4.55 4.61 15.95
N GLY A 93 -5.29 4.50 17.05
CA GLY A 93 -5.18 3.46 18.08
C GLY A 93 -5.03 4.07 19.45
N SER A 94 -5.52 3.40 20.49
CA SER A 94 -5.64 3.97 21.87
C SER A 94 -4.29 3.91 22.60
N SER A 95 -3.36 3.04 22.15
CA SER A 95 -2.10 2.73 22.86
C SER A 95 -1.01 3.76 22.54
N ALA A 96 -0.08 4.00 23.48
CA ALA A 96 1.15 4.79 23.24
C ALA A 96 1.96 4.19 22.07
N PHE A 97 1.87 2.87 21.85
CA PHE A 97 2.59 2.15 20.77
C PHE A 97 1.98 2.56 19.43
N ASN A 98 0.66 2.68 19.37
CA ASN A 98 -0.10 3.12 18.17
C ASN A 98 0.27 4.57 17.84
N VAL A 99 0.27 5.44 18.87
CA VAL A 99 0.70 6.85 18.71
C VAL A 99 2.15 6.91 18.19
N ALA A 100 3.05 6.11 18.77
CA ALA A 100 4.47 6.08 18.34
C ALA A 100 4.59 5.66 16.87
N ARG A 101 3.87 4.61 16.44
CA ARG A 101 3.94 4.16 15.04
C ARG A 101 3.49 5.28 14.09
N THR A 102 2.45 6.00 14.47
CA THR A 102 1.90 7.11 13.66
C THR A 102 3.01 8.16 13.49
N VAL A 103 3.63 8.52 14.59
CA VAL A 103 4.67 9.59 14.56
C VAL A 103 5.84 9.16 13.68
N LYS A 104 6.38 7.96 13.92
CA LYS A 104 7.58 7.50 13.15
C LYS A 104 7.20 7.39 11.66
N SER A 105 6.02 6.87 11.34
CA SER A 105 5.50 6.80 9.96
C SER A 105 5.37 8.18 9.32
N MET A 106 4.79 9.17 10.00
CA MET A 106 4.61 10.53 9.42
C MET A 106 5.97 11.10 9.08
N ILE A 107 6.92 10.96 10.00
CA ILE A 107 8.30 11.45 9.79
C ILE A 107 8.93 10.69 8.62
N LYS A 108 8.80 9.38 8.56
CA LYS A 108 9.49 8.60 7.49
C LYS A 108 8.86 9.01 6.15
N PHE A 109 7.55 9.23 6.09
CA PHE A 109 6.85 9.55 4.81
C PHE A 109 6.95 11.05 4.49
N GLY A 110 7.61 11.84 5.33
CA GLY A 110 8.06 13.19 4.93
C GLY A 110 7.13 14.33 5.37
N ALA A 111 6.22 14.08 6.29
CA ALA A 111 5.34 15.09 6.91
C ALA A 111 6.20 16.02 7.76
N ALA A 112 5.83 17.31 7.81
CA ALA A 112 6.55 18.36 8.55
C ALA A 112 5.97 18.49 9.94
N ALA A 113 4.70 18.12 10.13
CA ALA A 113 3.96 18.40 11.38
C ALA A 113 2.75 17.48 11.44
N MET A 114 2.30 17.17 12.65
CA MET A 114 0.99 16.53 12.83
C MET A 114 0.20 17.26 13.92
N HIS A 115 -1.13 17.20 13.83
CA HIS A 115 -2.03 17.52 14.96
C HIS A 115 -2.73 16.26 15.47
N ILE A 116 -2.73 16.10 16.77
CA ILE A 116 -3.35 14.97 17.51
C ILE A 116 -4.30 15.58 18.53
N GLU A 117 -5.50 15.03 18.68
CA GLU A 117 -6.59 15.75 19.36
C GLU A 117 -7.04 14.93 20.58
N ASP A 118 -7.92 15.53 21.40
CA ASP A 118 -8.33 14.97 22.72
C ASP A 118 -9.77 14.46 22.67
N GLN A 119 -10.33 14.38 21.45
CA GLN A 119 -11.62 13.68 21.19
C GLN A 119 -11.60 12.23 21.67
N VAL A 120 -12.80 11.71 21.98
CA VAL A 120 -13.05 10.30 22.42
C VAL A 120 -13.26 9.41 21.19
N GLU A 132 -17.41 15.68 23.87
CA GLU A 132 -16.70 14.72 24.76
C GLU A 132 -15.18 14.76 24.51
N ILE A 133 -14.38 14.96 25.55
CA ILE A 133 -12.90 14.89 25.43
C ILE A 133 -12.39 13.87 26.44
N VAL A 134 -11.21 13.30 26.20
CA VAL A 134 -10.46 12.50 27.21
C VAL A 134 -9.95 13.43 28.34
N SER A 135 -9.55 12.87 29.49
CA SER A 135 -9.00 13.63 30.64
C SER A 135 -7.74 14.38 30.21
N GLN A 136 -7.41 15.44 30.94
CA GLN A 136 -6.17 16.21 30.67
C GLN A 136 -4.99 15.22 30.75
N GLN A 137 -4.95 14.34 31.75
CA GLN A 137 -3.87 13.34 31.90
C GLN A 137 -3.76 12.44 30.65
N GLU A 138 -4.87 11.91 30.13
CA GLU A 138 -4.82 11.05 28.92
C GLU A 138 -4.30 11.83 27.71
N MET A 139 -4.70 13.11 27.54
CA MET A 139 -4.19 13.98 26.44
C MET A 139 -2.68 14.22 26.58
N VAL A 140 -2.26 14.47 27.80
CA VAL A 140 -0.83 14.68 28.14
C VAL A 140 -0.05 13.39 27.83
N ASP A 141 -0.60 12.20 28.14
CA ASP A 141 0.04 10.89 27.85
C ASP A 141 0.18 10.71 26.34
N ARG A 142 -0.84 11.11 25.56
CA ARG A 142 -0.81 11.03 24.07
C ARG A 142 0.34 11.89 23.55
N ILE A 143 0.47 13.09 24.08
CA ILE A 143 1.54 14.04 23.69
C ILE A 143 2.89 13.46 24.09
N LYS A 144 3.03 12.92 25.31
CA LYS A 144 4.32 12.35 25.80
C LYS A 144 4.74 11.20 24.88
N ALA A 145 3.81 10.33 24.49
CA ALA A 145 4.07 9.16 23.62
C ALA A 145 4.55 9.67 22.26
N ALA A 146 3.93 10.74 21.77
CA ALA A 146 4.28 11.32 20.45
C ALA A 146 5.70 11.90 20.50
N VAL A 147 5.97 12.71 21.50
CA VAL A 147 7.28 13.38 21.75
C VAL A 147 8.34 12.29 21.91
N ASP A 148 8.09 11.26 22.71
CA ASP A 148 9.08 10.17 22.94
C ASP A 148 9.41 9.43 21.64
N ALA A 149 8.43 9.20 20.75
CA ALA A 149 8.60 8.48 19.47
C ALA A 149 9.30 9.34 18.41
N ARG A 150 9.38 10.65 18.59
CA ARG A 150 9.92 11.56 17.56
C ARG A 150 11.42 11.31 17.38
N SER A 151 11.87 11.00 16.16
CA SER A 151 13.29 10.70 15.83
C SER A 151 14.00 11.95 15.28
N ASP A 152 13.23 12.91 14.77
CA ASP A 152 13.74 14.20 14.27
C ASP A 152 13.02 15.31 15.06
N ASP A 153 13.72 15.94 16.01
CA ASP A 153 13.12 16.93 16.94
C ASP A 153 12.50 18.12 16.19
N SER A 154 12.89 18.37 14.94
CA SER A 154 12.31 19.47 14.13
C SER A 154 10.86 19.17 13.73
N PHE A 155 10.45 17.90 13.70
CA PHE A 155 9.06 17.52 13.35
C PHE A 155 8.13 18.10 14.41
N VAL A 156 7.08 18.78 13.96
CA VAL A 156 6.20 19.55 14.88
C VAL A 156 5.02 18.69 15.34
N ILE A 157 4.83 18.67 16.66
CA ILE A 157 3.68 18.00 17.33
C ILE A 157 2.77 19.13 17.81
N MET A 158 1.58 19.16 17.21
CA MET A 158 0.56 20.20 17.49
C MET A 158 -0.60 19.52 18.21
N ALA A 159 -0.92 20.01 19.41
CA ALA A 159 -1.99 19.44 20.26
C ALA A 159 -3.28 20.17 19.93
N ARG A 160 -4.27 19.40 19.49
CA ARG A 160 -5.61 19.94 19.16
C ARG A 160 -6.55 19.67 20.34
N THR A 161 -7.24 20.69 20.87
CA THR A 161 -8.14 20.48 22.04
C THR A 161 -9.53 21.07 21.76
N ASP A 162 -10.55 20.28 22.11
CA ASP A 162 -11.98 20.73 22.17
C ASP A 162 -12.34 21.13 23.61
N ALA A 163 -11.39 21.51 24.45
CA ALA A 163 -11.66 21.78 25.88
C ALA A 163 -12.46 23.10 26.01
N LEU A 164 -12.36 24.01 25.04
CA LEU A 164 -13.07 25.32 25.15
C LEU A 164 -14.58 25.05 25.17
N ALA A 165 -15.11 24.24 24.25
CA ALA A 165 -16.55 23.90 24.13
C ALA A 165 -17.03 23.03 25.30
N VAL A 166 -16.21 22.10 25.79
CA VAL A 166 -16.64 21.09 26.81
C VAL A 166 -16.46 21.64 28.23
N GLU A 167 -15.43 22.44 28.50
CA GLU A 167 -15.03 22.81 29.89
C GLU A 167 -14.76 24.32 30.04
N GLY A 168 -14.68 25.10 28.96
CA GLY A 168 -14.53 26.59 29.00
C GLY A 168 -13.09 27.04 28.75
N LEU A 169 -12.85 28.34 28.65
CA LEU A 169 -11.55 28.91 28.20
C LEU A 169 -10.44 28.52 29.18
N GLN A 170 -10.65 28.70 30.49
CA GLN A 170 -9.56 28.51 31.49
C GLN A 170 -9.08 27.06 31.45
N ALA A 171 -10.01 26.11 31.36
CA ALA A 171 -9.70 24.67 31.22
C ALA A 171 -8.86 24.44 29.96
N ALA A 172 -9.21 25.05 28.82
CA ALA A 172 -8.46 24.93 27.54
C ALA A 172 -7.04 25.45 27.73
N ILE A 173 -6.91 26.63 28.34
CA ILE A 173 -5.58 27.22 28.64
C ILE A 173 -4.78 26.20 29.46
N ASP A 174 -5.35 25.64 30.54
CA ASP A 174 -4.58 24.77 31.48
C ASP A 174 -4.12 23.50 30.75
N ARG A 175 -5.05 22.85 30.04
CA ARG A 175 -4.81 21.64 29.22
C ARG A 175 -3.72 21.95 28.17
N ALA A 176 -3.84 23.09 27.49
CA ALA A 176 -2.85 23.54 26.48
C ALA A 176 -1.48 23.68 27.14
N CYS A 177 -1.36 24.36 28.29
CA CYS A 177 -0.05 24.54 28.98
C CYS A 177 0.53 23.18 29.44
N ALA A 178 -0.30 22.22 29.89
CA ALA A 178 0.14 20.87 30.28
C ALA A 178 0.69 20.10 29.05
N CYS A 179 0.07 20.29 27.87
CA CYS A 179 0.53 19.69 26.59
C CYS A 179 1.87 20.30 26.21
N VAL A 180 2.04 21.60 26.42
CA VAL A 180 3.31 22.30 26.10
C VAL A 180 4.40 21.78 27.06
N GLU A 181 4.09 21.61 28.34
CA GLU A 181 5.04 21.03 29.32
C GLU A 181 5.36 19.60 28.87
N ALA A 182 4.42 18.90 28.24
CA ALA A 182 4.62 17.52 27.72
C ALA A 182 5.41 17.53 26.39
N GLY A 183 5.75 18.70 25.84
CA GLY A 183 6.58 18.79 24.62
C GLY A 183 5.82 19.17 23.36
N ALA A 184 4.50 19.48 23.45
CA ALA A 184 3.73 19.94 22.27
C ALA A 184 4.36 21.26 21.79
N ASP A 185 4.61 21.40 20.50
CA ASP A 185 5.31 22.57 19.93
C ASP A 185 4.33 23.72 19.72
N MET A 186 3.09 23.42 19.41
CA MET A 186 2.06 24.37 18.93
C MET A 186 0.71 23.86 19.38
N ILE A 187 -0.27 24.75 19.47
CA ILE A 187 -1.63 24.43 19.97
C ILE A 187 -2.66 24.82 18.92
N PHE A 188 -3.69 23.98 18.81
CA PHE A 188 -4.86 24.11 17.91
C PHE A 188 -6.12 24.01 18.77
N PRO A 189 -6.64 25.14 19.24
CA PRO A 189 -7.90 25.19 19.98
C PRO A 189 -9.05 25.18 18.97
N GLU A 190 -9.98 24.25 19.14
CA GLU A 190 -11.22 24.12 18.34
C GLU A 190 -12.33 24.99 18.92
N ALA A 191 -13.26 25.39 18.07
CA ALA A 191 -14.50 26.13 18.43
C ALA A 191 -14.22 27.49 19.07
N MET A 192 -13.14 28.15 18.70
CA MET A 192 -12.87 29.48 19.28
C MET A 192 -13.50 30.49 18.33
N THR A 193 -14.57 31.15 18.76
CA THR A 193 -15.40 31.99 17.86
C THR A 193 -15.21 33.50 18.02
N GLU A 194 -14.42 33.96 18.98
CA GLU A 194 -14.22 35.41 19.20
C GLU A 194 -12.73 35.76 19.15
N LEU A 195 -12.37 36.89 18.54
CA LEU A 195 -10.96 37.32 18.43
C LEU A 195 -10.34 37.52 19.82
N ALA A 196 -11.10 38.05 20.79
CA ALA A 196 -10.61 38.37 22.15
C ALA A 196 -10.23 37.06 22.85
N MET A 197 -10.92 35.98 22.54
CA MET A 197 -10.60 34.65 23.06
C MET A 197 -9.26 34.16 22.45
N TYR A 198 -9.03 34.37 21.15
CA TYR A 198 -7.72 34.01 20.55
C TYR A 198 -6.60 34.76 21.28
N LYS A 199 -6.81 36.06 21.52
CA LYS A 199 -5.75 36.94 22.05
C LYS A 199 -5.40 36.44 23.46
N GLU A 200 -6.42 36.21 24.30
CA GLU A 200 -6.19 35.76 25.70
C GLU A 200 -5.49 34.40 25.66
N PHE A 201 -6.01 33.45 24.89
CA PHE A 201 -5.44 32.09 24.74
C PHE A 201 -3.97 32.13 24.29
N ALA A 202 -3.66 32.86 23.22
CA ALA A 202 -2.27 32.99 22.71
C ALA A 202 -1.34 33.58 23.80
N ALA A 203 -1.75 34.64 24.51
CA ALA A 203 -0.92 35.26 25.59
C ALA A 203 -0.61 34.23 26.67
N ALA A 204 -1.57 33.36 27.02
CA ALA A 204 -1.43 32.37 28.11
C ALA A 204 -0.58 31.17 27.68
N VAL A 205 -0.74 30.64 26.46
CA VAL A 205 -0.08 29.34 26.14
C VAL A 205 1.32 29.57 25.61
N LYS A 206 1.58 30.76 25.07
CA LYS A 206 2.95 31.24 24.72
C LYS A 206 3.38 30.70 23.34
N VAL A 207 3.22 29.41 23.09
CA VAL A 207 3.64 28.74 21.82
C VAL A 207 2.69 29.16 20.70
N PRO A 208 3.06 28.90 19.43
CA PRO A 208 2.23 29.31 18.30
C PRO A 208 0.84 28.66 18.37
N VAL A 209 -0.17 29.48 18.14
CA VAL A 209 -1.61 29.09 18.14
C VAL A 209 -2.11 29.08 16.70
N LEU A 210 -2.79 27.99 16.30
CA LEU A 210 -3.45 27.86 14.99
C LEU A 210 -4.94 28.18 15.18
N ALA A 211 -5.46 29.00 14.26
CA ALA A 211 -6.89 29.33 14.12
C ALA A 211 -7.38 28.54 12.92
N ASN A 212 -8.39 27.72 13.12
CA ASN A 212 -8.96 26.89 12.04
C ASN A 212 -10.14 27.67 11.46
N ILE A 213 -9.94 28.23 10.28
CA ILE A 213 -10.98 29.07 9.65
C ILE A 213 -11.64 28.24 8.54
N THR A 214 -12.44 27.28 8.94
CA THR A 214 -13.18 26.50 7.93
C THR A 214 -14.50 27.22 7.60
N GLU A 215 -15.14 26.85 6.51
CA GLU A 215 -16.39 27.49 6.08
C GLU A 215 -17.58 26.73 6.62
N PHE A 216 -18.71 27.43 6.70
CA PHE A 216 -20.03 26.91 7.07
C PHE A 216 -20.09 26.40 8.51
N GLY A 217 -19.23 26.87 9.39
CA GLY A 217 -19.20 26.45 10.80
C GLY A 217 -19.50 27.62 11.72
N ALA A 218 -19.24 27.48 13.01
CA ALA A 218 -19.57 28.58 13.94
C ALA A 218 -18.45 29.63 13.96
N THR A 219 -17.27 29.24 13.48
N THR A 219 -17.27 29.25 13.47
CA THR A 219 -16.14 30.21 13.47
CA THR A 219 -16.16 30.21 13.49
C THR A 219 -16.39 31.27 12.39
C THR A 219 -16.38 31.25 12.40
N PRO A 220 -16.15 32.56 12.66
CA PRO A 220 -16.35 33.54 11.63
C PRO A 220 -15.16 33.49 10.66
N LEU A 221 -15.36 33.98 9.44
CA LEU A 221 -14.27 34.07 8.44
C LEU A 221 -13.35 35.25 8.80
N PHE A 222 -12.52 35.07 9.81
CA PHE A 222 -11.56 36.07 10.28
C PHE A 222 -10.47 36.19 9.22
N THR A 223 -10.02 37.41 9.01
CA THR A 223 -8.94 37.70 8.04
C THR A 223 -7.58 37.50 8.72
N THR A 224 -6.53 37.40 7.91
CA THR A 224 -5.15 37.33 8.45
C THR A 224 -4.86 38.59 9.27
N ASP A 225 -5.33 39.77 8.84
CA ASP A 225 -5.13 41.03 9.61
C ASP A 225 -5.76 40.88 11.01
N GLU A 226 -7.03 40.46 11.07
CA GLU A 226 -7.74 40.29 12.37
C GLU A 226 -6.95 39.32 13.23
N LEU A 227 -6.55 38.20 12.65
CA LEU A 227 -5.90 37.14 13.44
C LEU A 227 -4.53 37.61 13.92
N ALA A 228 -3.84 38.37 13.09
CA ALA A 228 -2.53 38.94 13.49
C ALA A 228 -2.69 39.83 14.73
N SER A 229 -3.75 40.62 14.77
CA SER A 229 -4.04 41.50 15.92
C SER A 229 -4.39 40.66 17.17
N ALA A 230 -4.88 39.44 17.00
CA ALA A 230 -5.19 38.53 18.14
C ALA A 230 -3.98 37.65 18.53
N ASP A 231 -2.83 37.87 17.90
CA ASP A 231 -1.53 37.20 18.15
C ASP A 231 -1.59 35.70 17.79
N VAL A 232 -2.43 35.35 16.83
CA VAL A 232 -2.53 33.99 16.24
C VAL A 232 -1.36 33.79 15.28
N SER A 233 -0.68 32.66 15.36
CA SER A 233 0.55 32.34 14.58
C SER A 233 0.24 31.61 13.25
N LEU A 234 -0.83 30.80 13.20
CA LEU A 234 -1.19 30.04 11.97
C LEU A 234 -2.70 30.17 11.75
N VAL A 235 -3.07 30.26 10.48
CA VAL A 235 -4.49 30.20 10.03
C VAL A 235 -4.60 29.02 9.05
N LEU A 236 -5.57 28.17 9.30
CA LEU A 236 -5.78 26.92 8.52
C LEU A 236 -7.06 27.07 7.71
N TYR A 237 -6.98 26.71 6.45
CA TYR A 237 -8.11 26.72 5.47
C TYR A 237 -8.25 25.27 5.02
N PRO A 238 -8.85 24.41 5.86
CA PRO A 238 -8.66 22.97 5.71
C PRO A 238 -9.27 22.24 4.52
N LEU A 239 -10.43 22.68 4.01
CA LEU A 239 -11.14 22.02 2.86
C LEU A 239 -11.59 23.02 1.75
N SER A 240 -11.21 24.30 1.83
CA SER A 240 -11.64 25.40 0.96
C SER A 240 -11.50 25.05 -0.52
N ALA A 241 -10.32 24.66 -0.98
CA ALA A 241 -10.14 24.33 -2.42
C ALA A 241 -10.99 23.11 -2.81
N PHE A 242 -11.02 22.11 -1.94
CA PHE A 242 -11.78 20.86 -2.16
C PHE A 242 -13.25 21.21 -2.37
N ARG A 243 -13.79 22.10 -1.52
CA ARG A 243 -15.23 22.42 -1.62
C ARG A 243 -15.53 23.00 -3.01
N ALA A 244 -14.71 23.92 -3.49
CA ALA A 244 -14.91 24.48 -4.84
C ALA A 244 -14.64 23.43 -5.91
N MET A 245 -13.67 22.54 -5.70
CA MET A 245 -13.37 21.51 -6.72
C MET A 245 -14.63 20.65 -6.90
N ASN A 246 -15.32 20.34 -5.81
CA ASN A 246 -16.46 19.40 -5.89
C ASN A 246 -17.63 20.04 -6.64
N LYS A 247 -17.91 21.32 -6.41
CA LYS A 247 -19.03 22.00 -7.09
C LYS A 247 -18.69 22.08 -8.58
N ALA A 248 -17.44 22.36 -8.93
CA ALA A 248 -17.02 22.45 -10.34
C ALA A 248 -17.15 21.07 -11.02
N ALA A 249 -16.79 19.98 -10.34
CA ALA A 249 -16.83 18.62 -10.93
C ALA A 249 -18.30 18.24 -11.07
N GLU A 250 -19.11 18.57 -10.07
CA GLU A 250 -20.55 18.22 -10.13
C GLU A 250 -21.20 18.97 -11.30
N ASN A 251 -20.87 20.25 -11.51
CA ASN A 251 -21.41 21.06 -12.64
C ASN A 251 -21.02 20.42 -14.00
N VAL A 252 -19.81 19.86 -14.10
CA VAL A 252 -19.33 19.19 -15.34
C VAL A 252 -20.18 17.91 -15.54
N TYR A 253 -20.35 17.09 -14.51
CA TYR A 253 -21.05 15.80 -14.62
C TYR A 253 -22.49 16.11 -15.07
N THR A 254 -23.14 17.10 -14.43
N THR A 254 -23.14 17.07 -14.42
CA THR A 254 -24.56 17.47 -14.68
CA THR A 254 -24.56 17.42 -14.72
C THR A 254 -24.65 17.92 -16.13
C THR A 254 -24.69 17.96 -16.15
N ALA A 255 -23.75 18.78 -16.60
CA ALA A 255 -23.87 19.31 -17.97
C ALA A 255 -23.69 18.18 -18.99
N ILE A 256 -22.70 17.33 -18.81
CA ILE A 256 -22.40 16.23 -19.75
C ILE A 256 -23.63 15.33 -19.83
N ARG A 257 -24.22 14.96 -18.68
CA ARG A 257 -25.42 14.09 -18.62
C ARG A 257 -26.58 14.76 -19.38
N ARG A 258 -26.81 16.03 -19.17
CA ARG A 258 -27.97 16.77 -19.72
C ARG A 258 -27.76 16.98 -21.22
N ASP A 259 -26.56 17.37 -21.63
CA ASP A 259 -26.35 17.95 -22.98
C ASP A 259 -25.79 16.87 -23.94
N GLY A 260 -25.30 15.74 -23.42
CA GLY A 260 -24.61 14.73 -24.24
C GLY A 260 -23.35 15.29 -24.88
N THR A 261 -22.72 16.26 -24.20
CA THR A 261 -21.43 16.89 -24.58
C THR A 261 -20.97 17.75 -23.41
N GLN A 262 -19.69 18.07 -23.36
CA GLN A 262 -19.15 18.99 -22.32
C GLN A 262 -19.09 20.41 -22.88
N LYS A 263 -19.72 20.68 -24.04
CA LYS A 263 -19.68 22.00 -24.71
C LYS A 263 -19.96 23.15 -23.73
N ASN A 264 -20.97 23.05 -22.89
CA ASN A 264 -21.42 24.19 -22.07
C ASN A 264 -20.57 24.32 -20.78
N VAL A 265 -19.48 23.56 -20.59
CA VAL A 265 -18.64 23.64 -19.34
C VAL A 265 -17.15 23.75 -19.71
N ILE A 266 -16.81 23.87 -20.99
CA ILE A 266 -15.40 24.03 -21.46
C ILE A 266 -14.79 25.28 -20.79
N ASP A 267 -15.58 26.33 -20.60
CA ASP A 267 -15.11 27.66 -20.09
C ASP A 267 -14.70 27.51 -18.62
N THR A 268 -15.15 26.47 -17.92
CA THR A 268 -14.88 26.28 -16.48
C THR A 268 -13.58 25.50 -16.28
N MET A 269 -12.93 25.05 -17.38
CA MET A 269 -11.86 24.04 -17.29
C MET A 269 -10.50 24.69 -17.36
N GLN A 270 -9.59 24.22 -16.51
CA GLN A 270 -8.13 24.32 -16.73
C GLN A 270 -7.81 23.73 -18.10
N THR A 271 -7.08 24.49 -18.91
CA THR A 271 -6.64 24.05 -20.25
C THR A 271 -5.54 23.00 -20.11
N ARG A 272 -5.31 22.19 -21.16
CA ARG A 272 -4.21 21.20 -21.25
C ARG A 272 -2.89 21.95 -21.03
N MET A 273 -2.70 23.09 -21.70
N MET A 273 -2.69 23.09 -21.69
CA MET A 273 -1.45 23.90 -21.59
CA MET A 273 -1.42 23.85 -21.57
C MET A 273 -1.27 24.36 -20.13
C MET A 273 -1.26 24.36 -20.12
N GLU A 274 -2.35 24.76 -19.47
CA GLU A 274 -2.32 25.19 -18.05
C GLU A 274 -1.88 23.99 -17.21
N LEU A 275 -2.49 22.82 -17.43
CA LEU A 275 -2.16 21.61 -16.65
C LEU A 275 -0.66 21.27 -16.82
N TYR A 276 -0.17 21.27 -18.07
CA TYR A 276 1.24 20.88 -18.37
C TYR A 276 2.16 21.82 -17.61
N ASP A 277 1.82 23.12 -17.60
CA ASP A 277 2.57 24.13 -16.81
C ASP A 277 2.49 23.78 -15.30
N ARG A 278 1.32 23.43 -14.75
CA ARG A 278 1.21 23.25 -13.26
C ARG A 278 1.87 21.97 -12.74
N ILE A 279 2.10 20.96 -13.58
CA ILE A 279 2.81 19.71 -13.18
C ILE A 279 4.22 19.69 -13.80
N ASP A 280 4.66 20.83 -14.34
CA ASP A 280 6.03 21.06 -14.88
C ASP A 280 6.41 19.98 -15.89
N TYR A 281 5.55 19.74 -16.87
CA TYR A 281 5.64 18.68 -17.90
C TYR A 281 6.98 18.81 -18.64
N HIS A 282 7.42 20.04 -18.88
CA HIS A 282 8.55 20.37 -19.79
C HIS A 282 9.88 20.22 -19.00
N SER A 283 9.86 20.28 -17.66
CA SER A 283 11.04 19.96 -16.82
C SER A 283 11.50 18.51 -17.04
N PHE A 284 10.61 17.61 -17.49
CA PHE A 284 10.89 16.18 -17.75
C PHE A 284 11.72 16.05 -19.03
N GLU A 285 11.27 16.66 -20.13
CA GLU A 285 12.10 16.79 -21.38
C GLU A 285 13.48 17.36 -21.01
N GLN A 286 13.54 18.43 -20.21
CA GLN A 286 14.78 19.21 -19.84
C GLN A 286 15.70 18.43 -18.89
N LYS A 287 15.15 17.56 -18.04
CA LYS A 287 15.94 16.63 -17.18
C LYS A 287 16.71 15.63 -18.07
N LEU A 288 16.01 15.01 -19.03
CA LEU A 288 16.62 14.08 -20.03
C LEU A 288 17.74 14.79 -20.80
N ASP A 289 17.52 16.05 -21.23
CA ASP A 289 18.51 16.90 -21.97
C ASP A 289 19.79 17.05 -21.13
N ALA A 290 19.62 17.32 -19.82
CA ALA A 290 20.69 17.58 -18.81
C ALA A 290 21.54 16.31 -18.59
N LEU A 291 20.90 15.18 -18.25
CA LEU A 291 21.52 13.83 -18.14
C LEU A 291 22.17 13.44 -19.48
N PHE A 292 21.34 13.12 -20.48
CA PHE A 292 21.74 12.65 -21.83
C PHE A 292 22.29 13.85 -22.63
N LEU B 6 -24.46 -9.07 -9.63
CA LEU B 6 -23.82 -8.80 -10.94
C LEU B 6 -22.35 -8.45 -10.71
N THR B 7 -21.42 -9.04 -11.46
CA THR B 7 -20.00 -8.66 -11.34
C THR B 7 -19.76 -7.29 -12.00
N PRO B 8 -18.67 -6.58 -11.66
CA PRO B 8 -18.35 -5.30 -12.30
C PRO B 8 -18.38 -5.41 -13.84
N GLY B 9 -17.73 -6.44 -14.38
CA GLY B 9 -17.76 -6.69 -15.83
C GLY B 9 -19.19 -6.85 -16.32
N GLN B 10 -20.04 -7.56 -15.59
CA GLN B 10 -21.44 -7.72 -16.04
C GLN B 10 -22.13 -6.35 -16.05
N ARG B 11 -21.86 -5.54 -15.03
CA ARG B 11 -22.50 -4.21 -15.02
C ARG B 11 -21.99 -3.37 -16.20
N PHE B 12 -20.73 -3.50 -16.55
CA PHE B 12 -20.17 -2.72 -17.69
C PHE B 12 -20.84 -3.18 -19.00
N ARG B 13 -20.94 -4.48 -19.20
CA ARG B 13 -21.54 -5.02 -20.45
C ARG B 13 -23.03 -4.65 -20.50
N GLU B 14 -23.74 -4.69 -19.38
CA GLU B 14 -25.17 -4.33 -19.29
C GLU B 14 -25.32 -2.83 -19.62
N ALA B 15 -24.39 -2.00 -19.18
CA ALA B 15 -24.46 -0.55 -19.46
C ALA B 15 -24.25 -0.29 -20.96
N VAL B 16 -23.30 -0.97 -21.57
CA VAL B 16 -23.06 -0.80 -23.03
C VAL B 16 -24.31 -1.29 -23.79
N ALA B 17 -24.90 -2.37 -23.33
CA ALA B 17 -26.11 -2.87 -24.01
C ALA B 17 -27.34 -1.96 -23.85
N THR B 18 -27.39 -1.09 -22.83
CA THR B 18 -28.62 -0.31 -22.59
C THR B 18 -28.48 1.20 -22.80
N GLU B 19 -27.31 1.71 -23.09
CA GLU B 19 -27.13 3.16 -23.32
C GLU B 19 -26.37 3.30 -24.63
N HIS B 20 -26.87 4.12 -25.54
CA HIS B 20 -26.34 4.19 -26.92
C HIS B 20 -26.07 5.61 -27.39
N PRO B 21 -24.84 6.14 -27.32
CA PRO B 21 -23.71 5.42 -26.76
C PRO B 21 -23.65 5.54 -25.24
N LEU B 22 -22.86 4.70 -24.60
CA LEU B 22 -22.73 4.75 -23.13
C LEU B 22 -21.74 5.86 -22.77
N GLN B 23 -22.17 6.81 -21.96
CA GLN B 23 -21.30 7.89 -21.48
C GLN B 23 -20.48 7.31 -20.34
N VAL B 24 -19.16 7.37 -20.47
CA VAL B 24 -18.21 6.89 -19.43
C VAL B 24 -17.43 8.12 -18.97
N VAL B 25 -17.61 8.53 -17.71
CA VAL B 25 -16.98 9.81 -17.23
C VAL B 25 -15.82 9.48 -16.34
N GLY B 26 -14.72 10.19 -16.56
CA GLY B 26 -13.55 10.12 -15.67
C GLY B 26 -13.95 10.57 -14.29
N THR B 27 -13.48 9.82 -13.28
CA THR B 27 -13.65 10.07 -11.84
C THR B 27 -12.26 10.03 -11.20
N ILE B 28 -11.74 11.19 -10.76
CA ILE B 28 -10.33 11.30 -10.31
C ILE B 28 -10.21 10.65 -8.93
N ASN B 29 -11.32 10.54 -8.20
CA ASN B 29 -11.25 9.96 -6.83
C ASN B 29 -12.61 9.42 -6.47
N ALA B 30 -12.67 8.74 -5.32
CA ALA B 30 -13.89 8.10 -4.79
C ALA B 30 -14.99 9.16 -4.65
N ASN B 31 -14.66 10.35 -4.16
CA ASN B 31 -15.65 11.41 -3.96
C ASN B 31 -16.32 11.70 -5.29
N HIS B 32 -15.53 11.90 -6.34
CA HIS B 32 -16.08 12.23 -7.66
C HIS B 32 -16.83 11.02 -8.28
N ALA B 33 -16.44 9.80 -7.97
CA ALA B 33 -17.18 8.62 -8.43
C ALA B 33 -18.61 8.74 -7.90
N LEU B 34 -18.79 9.11 -6.64
CA LEU B 34 -20.17 9.23 -6.08
C LEU B 34 -20.93 10.40 -6.73
N LEU B 35 -20.26 11.49 -7.09
CA LEU B 35 -20.93 12.61 -7.79
C LEU B 35 -21.41 12.10 -9.15
N ALA B 36 -20.63 11.26 -9.82
CA ALA B 36 -20.93 10.77 -11.19
C ALA B 36 -22.15 9.85 -11.08
N LYS B 37 -22.18 9.01 -10.06
CA LYS B 37 -23.33 8.14 -9.75
C LYS B 37 -24.58 9.01 -9.52
N ARG B 38 -24.47 10.05 -8.70
CA ARG B 38 -25.63 10.93 -8.38
C ARG B 38 -26.12 11.57 -9.68
N ALA B 39 -25.21 12.00 -10.54
CA ALA B 39 -25.53 12.67 -11.82
C ALA B 39 -26.23 11.70 -12.77
N GLY B 40 -26.22 10.38 -12.51
CA GLY B 40 -26.97 9.44 -13.35
C GLY B 40 -26.13 8.64 -14.32
N PHE B 41 -24.80 8.74 -14.25
CA PHE B 41 -23.94 7.94 -15.15
C PHE B 41 -24.01 6.45 -14.77
N LYS B 42 -23.90 5.58 -15.78
CA LYS B 42 -23.92 4.12 -15.55
C LYS B 42 -22.52 3.54 -15.55
N ALA B 43 -21.50 4.32 -15.92
CA ALA B 43 -20.13 3.81 -15.97
C ALA B 43 -19.13 4.96 -15.79
N ILE B 44 -18.03 4.63 -15.11
CA ILE B 44 -16.99 5.62 -14.74
C ILE B 44 -15.62 5.14 -15.18
N TYR B 45 -14.64 6.03 -15.16
CA TYR B 45 -13.34 5.78 -15.78
C TYR B 45 -12.21 6.24 -14.84
N LEU B 46 -11.17 5.42 -14.74
CA LEU B 46 -9.92 5.84 -14.03
C LEU B 46 -8.87 6.08 -15.11
N SER B 47 -8.67 7.37 -15.43
CA SER B 47 -7.70 7.93 -16.39
C SER B 47 -6.25 7.72 -15.88
N GLY B 48 -5.35 7.20 -16.72
CA GLY B 48 -3.92 7.09 -16.37
C GLY B 48 -3.28 8.45 -16.20
N GLY B 49 -3.56 9.37 -17.12
CA GLY B 49 -3.12 10.76 -17.04
C GLY B 49 -3.62 11.42 -15.75
N GLY B 50 -4.84 11.07 -15.35
CA GLY B 50 -5.49 11.51 -14.10
C GLY B 50 -4.78 10.92 -12.90
N VAL B 51 -4.47 9.61 -12.90
CA VAL B 51 -3.71 9.01 -11.75
C VAL B 51 -2.36 9.73 -11.65
N ALA B 52 -1.69 9.95 -12.78
CA ALA B 52 -0.38 10.65 -12.80
C ALA B 52 -0.56 12.10 -12.36
N ALA B 53 -1.39 12.89 -13.06
CA ALA B 53 -1.41 14.37 -12.86
C ALA B 53 -2.09 14.69 -11.53
N GLY B 54 -3.14 13.93 -11.18
CA GLY B 54 -3.99 14.23 -10.01
C GLY B 54 -3.45 13.61 -8.73
N SER B 55 -3.36 12.28 -8.67
CA SER B 55 -2.89 11.51 -7.48
C SER B 55 -1.40 11.72 -7.26
N LEU B 56 -0.57 11.82 -8.30
CA LEU B 56 0.91 11.85 -8.12
C LEU B 56 1.47 13.22 -8.47
N GLY B 57 0.69 14.07 -9.13
CA GLY B 57 1.20 15.40 -9.52
C GLY B 57 2.35 15.29 -10.51
N LEU B 58 2.34 14.25 -11.34
CA LEU B 58 3.35 13.94 -12.38
C LEU B 58 2.71 13.98 -13.76
N PRO B 59 3.50 14.31 -14.81
CA PRO B 59 3.04 14.11 -16.18
C PRO B 59 2.85 12.62 -16.51
N ASP B 60 2.08 12.39 -17.57
CA ASP B 60 1.61 11.07 -18.05
C ASP B 60 2.72 10.43 -18.90
N LEU B 61 3.89 10.17 -18.30
CA LEU B 61 5.09 9.69 -19.04
C LEU B 61 5.50 8.31 -18.52
N GLY B 62 4.52 7.49 -18.09
CA GLY B 62 4.78 6.09 -17.67
C GLY B 62 5.57 6.03 -16.37
N ILE B 63 5.45 7.06 -15.54
CA ILE B 63 6.12 7.07 -14.21
C ILE B 63 5.22 6.32 -13.23
N SER B 64 3.93 6.64 -13.26
CA SER B 64 2.84 5.92 -12.54
C SER B 64 2.89 4.45 -12.95
N GLY B 65 2.74 3.56 -11.98
CA GLY B 65 2.73 2.11 -12.19
C GLY B 65 1.46 1.48 -11.64
N LEU B 66 1.44 0.15 -11.64
CA LEU B 66 0.26 -0.67 -11.27
C LEU B 66 -0.18 -0.32 -9.84
N ASP B 67 0.73 -0.22 -8.87
CA ASP B 67 0.37 0.02 -7.43
C ASP B 67 -0.39 1.35 -7.30
N ASP B 68 0.08 2.40 -7.97
CA ASP B 68 -0.53 3.76 -7.92
C ASP B 68 -1.98 3.68 -8.41
N VAL B 69 -2.18 3.00 -9.54
CA VAL B 69 -3.52 2.85 -10.17
C VAL B 69 -4.43 2.02 -9.27
N LEU B 70 -3.92 0.91 -8.72
CA LEU B 70 -4.71 -0.05 -7.88
C LEU B 70 -5.19 0.67 -6.62
N THR B 71 -4.38 1.54 -6.04
CA THR B 71 -4.80 2.32 -4.86
C THR B 71 -6.09 3.08 -5.23
N ASP B 72 -6.11 3.74 -6.40
CA ASP B 72 -7.25 4.58 -6.82
C ASP B 72 -8.41 3.64 -7.20
N VAL B 73 -8.14 2.49 -7.81
CA VAL B 73 -9.22 1.51 -8.14
C VAL B 73 -9.90 1.03 -6.85
N ARG B 74 -9.13 0.62 -5.86
CA ARG B 74 -9.66 0.12 -4.57
C ARG B 74 -10.49 1.22 -3.87
N ARG B 75 -9.94 2.42 -3.75
CA ARG B 75 -10.68 3.54 -3.12
C ARG B 75 -12.06 3.71 -3.80
N ILE B 76 -12.05 3.79 -5.12
CA ILE B 76 -13.26 4.11 -5.91
C ILE B 76 -14.27 2.98 -5.71
N THR B 77 -13.84 1.73 -5.87
CA THR B 77 -14.79 0.58 -5.97
C THR B 77 -15.23 0.09 -4.59
N ASP B 78 -14.52 0.46 -3.52
CA ASP B 78 -14.95 0.21 -2.12
C ASP B 78 -16.27 0.96 -1.86
N VAL B 79 -16.51 2.15 -2.45
CA VAL B 79 -17.71 2.94 -2.07
C VAL B 79 -18.71 3.09 -3.22
N CYS B 80 -18.27 2.94 -4.47
CA CYS B 80 -19.08 3.20 -5.67
C CYS B 80 -19.21 1.90 -6.46
N ASP B 81 -20.42 1.46 -6.74
CA ASP B 81 -20.66 0.14 -7.40
C ASP B 81 -20.81 0.35 -8.91
N LEU B 82 -20.67 1.56 -9.43
CA LEU B 82 -20.71 1.78 -10.90
C LEU B 82 -19.54 1.01 -11.50
N PRO B 83 -19.67 0.35 -12.69
CA PRO B 83 -18.53 -0.33 -13.32
C PRO B 83 -17.43 0.69 -13.69
N LEU B 84 -16.21 0.37 -13.30
CA LEU B 84 -15.00 1.20 -13.54
C LEU B 84 -14.17 0.65 -14.70
N LEU B 85 -14.01 1.43 -15.75
CA LEU B 85 -13.04 1.18 -16.84
C LEU B 85 -11.70 1.77 -16.42
N VAL B 86 -10.63 0.99 -16.48
CA VAL B 86 -9.28 1.42 -15.98
C VAL B 86 -8.27 1.48 -17.12
N ASP B 87 -7.53 2.59 -17.16
CA ASP B 87 -6.40 2.80 -18.09
C ASP B 87 -5.22 2.02 -17.52
N VAL B 88 -4.75 0.99 -18.20
CA VAL B 88 -3.54 0.26 -17.68
C VAL B 88 -2.39 0.41 -18.68
N ASP B 89 -2.41 1.48 -19.49
CA ASP B 89 -1.28 1.84 -20.40
C ASP B 89 -0.96 0.60 -21.24
N THR B 90 0.26 0.06 -21.19
CA THR B 90 0.64 -1.13 -22.00
C THR B 90 0.64 -2.39 -21.13
N GLY B 91 0.28 -2.29 -19.85
CA GLY B 91 0.10 -3.46 -18.98
C GLY B 91 1.05 -3.48 -17.80
N PHE B 92 1.84 -2.43 -17.61
CA PHE B 92 2.73 -2.24 -16.44
C PHE B 92 3.82 -3.31 -16.44
N GLY B 93 4.70 -3.28 -17.44
CA GLY B 93 5.84 -4.21 -17.62
C GLY B 93 5.80 -4.93 -18.95
N SER B 94 6.98 -5.25 -19.49
CA SER B 94 7.17 -5.66 -20.90
C SER B 94 6.79 -7.12 -21.13
N SER B 95 6.54 -7.91 -20.08
CA SER B 95 6.37 -9.38 -20.13
C SER B 95 4.89 -9.78 -20.06
N ALA B 96 4.53 -10.94 -20.65
CA ALA B 96 3.21 -11.60 -20.55
C ALA B 96 2.81 -11.80 -19.08
N PHE B 97 3.79 -12.04 -18.20
CA PHE B 97 3.59 -12.26 -16.74
C PHE B 97 3.13 -10.94 -16.09
N ASN B 98 3.67 -9.80 -16.53
CA ASN B 98 3.29 -8.46 -16.01
C ASN B 98 1.85 -8.15 -16.45
N VAL B 99 1.52 -8.35 -17.72
CA VAL B 99 0.12 -8.16 -18.22
C VAL B 99 -0.82 -9.03 -17.39
N ALA B 100 -0.49 -10.32 -17.20
CA ALA B 100 -1.30 -11.28 -16.40
C ALA B 100 -1.50 -10.76 -14.97
N ARG B 101 -0.45 -10.27 -14.32
CA ARG B 101 -0.57 -9.75 -12.94
C ARG B 101 -1.51 -8.53 -12.90
N THR B 102 -1.40 -7.65 -13.90
CA THR B 102 -2.25 -6.44 -14.08
C THR B 102 -3.73 -6.89 -14.18
N VAL B 103 -4.01 -7.85 -15.03
CA VAL B 103 -5.42 -8.31 -15.20
C VAL B 103 -5.93 -8.87 -13.87
N LYS B 104 -5.17 -9.73 -13.20
CA LYS B 104 -5.66 -10.47 -12.00
C LYS B 104 -5.90 -9.46 -10.88
N SER B 105 -4.98 -8.51 -10.73
CA SER B 105 -5.08 -7.40 -9.76
C SER B 105 -6.29 -6.51 -10.06
N MET B 106 -6.47 -6.05 -11.31
CA MET B 106 -7.65 -5.22 -11.67
C MET B 106 -8.95 -5.92 -11.24
N ILE B 107 -9.06 -7.23 -11.49
CA ILE B 107 -10.31 -8.01 -11.23
C ILE B 107 -10.50 -8.11 -9.72
N LYS B 108 -9.43 -8.37 -8.97
CA LYS B 108 -9.51 -8.56 -7.50
C LYS B 108 -9.87 -7.23 -6.82
N PHE B 109 -9.31 -6.10 -7.30
CA PHE B 109 -9.50 -4.76 -6.69
C PHE B 109 -10.82 -4.13 -7.16
N GLY B 110 -11.55 -4.77 -8.07
CA GLY B 110 -12.95 -4.46 -8.35
C GLY B 110 -13.18 -3.72 -9.65
N ALA B 111 -12.18 -3.59 -10.51
CA ALA B 111 -12.35 -2.95 -11.82
C ALA B 111 -13.32 -3.79 -12.67
N ALA B 112 -14.04 -3.12 -13.56
CA ALA B 112 -15.00 -3.74 -14.50
C ALA B 112 -14.37 -4.02 -15.87
N ALA B 113 -13.40 -3.21 -16.27
CA ALA B 113 -12.84 -3.26 -17.62
C ALA B 113 -11.48 -2.60 -17.56
N MET B 114 -10.64 -2.84 -18.55
CA MET B 114 -9.36 -2.13 -18.74
C MET B 114 -9.16 -1.91 -20.23
N HIS B 115 -8.49 -0.82 -20.59
CA HIS B 115 -7.90 -0.68 -21.93
C HIS B 115 -6.37 -0.81 -21.83
N ILE B 116 -5.81 -1.55 -22.77
CA ILE B 116 -4.34 -1.78 -22.90
C ILE B 116 -3.99 -1.35 -24.33
N GLU B 117 -2.88 -0.63 -24.54
CA GLU B 117 -2.60 0.07 -25.83
C GLU B 117 -1.36 -0.55 -26.50
N ASP B 118 -1.15 -0.18 -27.78
CA ASP B 118 -0.12 -0.78 -28.66
C ASP B 118 1.11 0.13 -28.73
N GLN B 119 1.22 1.12 -27.85
CA GLN B 119 2.48 1.88 -27.59
C GLN B 119 3.60 0.90 -27.20
N VAL B 120 4.85 1.23 -27.57
CA VAL B 120 6.04 0.33 -27.51
C VAL B 120 6.40 0.06 -26.04
N GLU B 132 5.02 6.01 -32.33
CA GLU B 132 5.32 4.66 -32.87
C GLU B 132 4.58 3.60 -32.05
N ILE B 133 4.31 2.45 -32.66
CA ILE B 133 3.54 1.33 -32.04
C ILE B 133 4.31 0.03 -32.20
N VAL B 134 3.82 -1.05 -31.58
CA VAL B 134 4.32 -2.43 -31.75
C VAL B 134 3.59 -3.05 -32.96
N SER B 135 4.09 -4.19 -33.45
CA SER B 135 3.53 -4.95 -34.59
C SER B 135 2.15 -5.51 -34.21
N GLN B 136 1.29 -5.68 -35.20
CA GLN B 136 -0.02 -6.35 -35.03
C GLN B 136 0.16 -7.64 -34.22
N GLN B 137 1.21 -8.41 -34.50
CA GLN B 137 1.47 -9.71 -33.82
C GLN B 137 1.74 -9.43 -32.33
N GLU B 138 2.58 -8.44 -32.03
CA GLU B 138 3.05 -8.07 -30.65
C GLU B 138 1.90 -7.46 -29.81
N MET B 139 0.99 -6.72 -30.44
CA MET B 139 -0.25 -6.20 -29.81
C MET B 139 -1.20 -7.38 -29.59
N VAL B 140 -1.32 -8.26 -30.57
CA VAL B 140 -2.17 -9.47 -30.50
C VAL B 140 -1.74 -10.30 -29.28
N ASP B 141 -0.43 -10.38 -29.03
CA ASP B 141 0.16 -11.18 -27.93
C ASP B 141 -0.15 -10.54 -26.56
N ARG B 142 -0.02 -9.23 -26.38
CA ARG B 142 -0.45 -8.55 -25.11
C ARG B 142 -1.91 -8.89 -24.81
N ILE B 143 -2.79 -8.81 -25.81
CA ILE B 143 -4.24 -9.15 -25.66
C ILE B 143 -4.40 -10.62 -25.22
N LYS B 144 -3.69 -11.54 -25.89
CA LYS B 144 -3.80 -13.01 -25.59
C LYS B 144 -3.41 -13.25 -24.14
N ALA B 145 -2.29 -12.67 -23.71
CA ALA B 145 -1.80 -12.71 -22.32
C ALA B 145 -2.93 -12.25 -21.39
N ALA B 146 -3.62 -11.16 -21.72
CA ALA B 146 -4.65 -10.53 -20.86
C ALA B 146 -5.86 -11.46 -20.79
N VAL B 147 -6.32 -11.91 -21.96
CA VAL B 147 -7.50 -12.81 -22.06
C VAL B 147 -7.23 -14.09 -21.27
N ASP B 148 -6.02 -14.66 -21.37
CA ASP B 148 -5.64 -15.93 -20.67
C ASP B 148 -5.61 -15.74 -19.15
N ALA B 149 -5.22 -14.55 -18.68
CA ALA B 149 -5.03 -14.22 -17.25
C ALA B 149 -6.39 -14.06 -16.57
N ARG B 150 -7.40 -13.73 -17.34
CA ARG B 150 -8.75 -13.37 -16.85
C ARG B 150 -9.43 -14.57 -16.19
N SER B 151 -9.75 -14.43 -14.91
CA SER B 151 -10.35 -15.48 -14.03
C SER B 151 -11.88 -15.32 -14.00
N ASP B 152 -12.35 -14.15 -14.42
CA ASP B 152 -13.79 -13.80 -14.58
C ASP B 152 -13.96 -13.27 -15.99
N ASP B 153 -14.65 -13.99 -16.88
CA ASP B 153 -14.65 -13.66 -18.33
C ASP B 153 -15.63 -12.50 -18.64
N SER B 154 -16.48 -12.10 -17.69
CA SER B 154 -17.31 -10.87 -17.77
C SER B 154 -16.40 -9.63 -17.73
N PHE B 155 -15.23 -9.70 -17.08
CA PHE B 155 -14.27 -8.57 -17.08
C PHE B 155 -13.86 -8.27 -18.52
N VAL B 156 -13.95 -7.00 -18.87
CA VAL B 156 -13.84 -6.52 -20.26
C VAL B 156 -12.40 -6.10 -20.55
N ILE B 157 -11.87 -6.61 -21.65
CA ILE B 157 -10.55 -6.22 -22.22
C ILE B 157 -10.78 -5.42 -23.49
N MET B 158 -10.39 -4.16 -23.44
CA MET B 158 -10.58 -3.17 -24.52
C MET B 158 -9.20 -2.90 -25.12
N ALA B 159 -9.00 -3.18 -26.41
CA ALA B 159 -7.74 -2.87 -27.14
C ALA B 159 -7.76 -1.41 -27.60
N ARG B 160 -6.75 -0.65 -27.20
CA ARG B 160 -6.55 0.75 -27.61
C ARG B 160 -5.49 0.78 -28.72
N THR B 161 -5.81 1.34 -29.88
CA THR B 161 -4.85 1.34 -31.01
C THR B 161 -4.65 2.76 -31.53
N ASP B 162 -3.38 3.14 -31.74
CA ASP B 162 -2.94 4.38 -32.45
C ASP B 162 -2.43 4.02 -33.86
N ALA B 163 -3.12 3.13 -34.56
CA ALA B 163 -2.74 2.61 -35.89
C ALA B 163 -3.22 3.58 -36.99
N LEU B 164 -4.25 4.41 -36.71
CA LEU B 164 -4.85 5.32 -37.72
C LEU B 164 -3.84 6.40 -38.12
N ALA B 165 -3.08 6.91 -37.15
CA ALA B 165 -2.09 8.01 -37.32
C ALA B 165 -0.78 7.49 -37.94
N VAL B 166 -0.53 6.16 -37.90
CA VAL B 166 0.77 5.55 -38.26
C VAL B 166 0.66 4.76 -39.58
N GLU B 167 -0.44 4.02 -39.80
CA GLU B 167 -0.56 3.02 -40.90
C GLU B 167 -1.78 3.26 -41.81
N GLY B 168 -2.75 4.09 -41.43
CA GLY B 168 -3.96 4.35 -42.24
C GLY B 168 -5.16 3.54 -41.77
N LEU B 169 -6.37 3.86 -42.27
CA LEU B 169 -7.66 3.37 -41.71
C LEU B 169 -7.76 1.84 -41.84
N GLN B 170 -7.45 1.29 -43.01
CA GLN B 170 -7.61 -0.17 -43.25
C GLN B 170 -6.69 -0.94 -42.28
N ALA B 171 -5.49 -0.43 -42.00
CA ALA B 171 -4.52 -1.07 -41.07
C ALA B 171 -5.10 -1.05 -39.65
N ALA B 172 -5.72 0.06 -39.27
CA ALA B 172 -6.44 0.24 -37.99
C ALA B 172 -7.48 -0.86 -37.83
N ILE B 173 -8.25 -1.13 -38.89
CA ILE B 173 -9.34 -2.15 -38.90
C ILE B 173 -8.72 -3.53 -38.75
N ASP B 174 -7.71 -3.81 -39.57
CA ASP B 174 -7.01 -5.12 -39.63
C ASP B 174 -6.55 -5.47 -38.21
N ARG B 175 -5.80 -4.55 -37.61
CA ARG B 175 -5.22 -4.69 -36.25
C ARG B 175 -6.32 -4.85 -35.21
N ALA B 176 -7.37 -4.01 -35.22
CA ALA B 176 -8.52 -4.13 -34.29
C ALA B 176 -9.15 -5.51 -34.46
N CYS B 177 -9.34 -5.96 -35.70
CA CYS B 177 -9.98 -7.27 -36.00
C CYS B 177 -9.13 -8.42 -35.47
N ALA B 178 -7.79 -8.32 -35.57
CA ALA B 178 -6.81 -9.28 -35.00
C ALA B 178 -6.90 -9.30 -33.46
N CYS B 179 -7.01 -8.12 -32.83
CA CYS B 179 -7.25 -8.01 -31.35
C CYS B 179 -8.56 -8.69 -30.97
N VAL B 180 -9.63 -8.52 -31.76
CA VAL B 180 -10.96 -9.14 -31.50
C VAL B 180 -10.82 -10.67 -31.58
N GLU B 181 -10.11 -11.18 -32.60
CA GLU B 181 -9.86 -12.64 -32.81
C GLU B 181 -9.04 -13.17 -31.61
N ALA B 182 -8.14 -12.34 -31.05
CA ALA B 182 -7.37 -12.62 -29.81
C ALA B 182 -8.25 -12.54 -28.54
N GLY B 183 -9.49 -12.05 -28.63
CA GLY B 183 -10.47 -12.06 -27.52
C GLY B 183 -10.72 -10.69 -26.91
N ALA B 184 -10.18 -9.61 -27.48
CA ALA B 184 -10.50 -8.23 -27.07
C ALA B 184 -12.02 -8.05 -27.25
N ASP B 185 -12.68 -7.53 -26.21
CA ASP B 185 -14.16 -7.40 -26.16
C ASP B 185 -14.57 -6.10 -26.86
N MET B 186 -13.75 -5.06 -26.76
CA MET B 186 -14.14 -3.74 -27.30
C MET B 186 -12.88 -3.06 -27.85
N ILE B 187 -13.09 -2.07 -28.71
CA ILE B 187 -11.96 -1.36 -29.37
C ILE B 187 -12.02 0.13 -29.05
N PHE B 188 -10.86 0.68 -28.72
CA PHE B 188 -10.62 2.12 -28.46
C PHE B 188 -9.64 2.63 -29.51
N PRO B 189 -10.10 3.14 -30.67
CA PRO B 189 -9.19 3.71 -31.65
C PRO B 189 -8.82 5.15 -31.23
N GLU B 190 -7.55 5.52 -31.35
CA GLU B 190 -7.07 6.87 -31.01
C GLU B 190 -7.13 7.77 -32.26
N ALA B 191 -6.99 9.09 -32.05
CA ALA B 191 -6.76 10.14 -33.07
C ALA B 191 -7.77 10.05 -34.23
N MET B 192 -9.04 9.75 -33.93
CA MET B 192 -10.10 9.64 -34.97
C MET B 192 -11.06 10.82 -34.82
N THR B 193 -11.22 11.63 -35.89
CA THR B 193 -11.71 13.04 -35.86
C THR B 193 -12.78 13.32 -36.94
N GLU B 194 -13.37 12.30 -37.57
CA GLU B 194 -14.53 12.44 -38.49
C GLU B 194 -15.58 11.39 -38.13
N LEU B 195 -16.85 11.76 -38.03
CA LEU B 195 -17.98 10.85 -37.71
C LEU B 195 -18.10 9.75 -38.77
N ALA B 196 -17.88 10.12 -40.03
CA ALA B 196 -17.91 9.21 -41.19
C ALA B 196 -16.88 8.09 -41.02
N MET B 197 -15.73 8.39 -40.43
CA MET B 197 -14.66 7.38 -40.19
C MET B 197 -15.08 6.43 -39.06
N TYR B 198 -15.72 6.95 -38.00
CA TYR B 198 -16.24 6.13 -36.86
C TYR B 198 -17.24 5.11 -37.40
N LYS B 199 -18.19 5.55 -38.23
CA LYS B 199 -19.23 4.69 -38.83
C LYS B 199 -18.60 3.51 -39.60
N GLU B 200 -17.58 3.77 -40.42
CA GLU B 200 -16.91 2.73 -41.24
C GLU B 200 -16.16 1.76 -40.33
N PHE B 201 -15.44 2.31 -39.34
CA PHE B 201 -14.65 1.54 -38.34
C PHE B 201 -15.58 0.62 -37.55
N ALA B 202 -16.64 1.18 -36.96
CA ALA B 202 -17.69 0.47 -36.19
C ALA B 202 -18.30 -0.69 -36.99
N ALA B 203 -18.57 -0.52 -38.28
CA ALA B 203 -19.17 -1.58 -39.14
C ALA B 203 -18.15 -2.71 -39.36
N ALA B 204 -16.89 -2.34 -39.58
CA ALA B 204 -15.77 -3.26 -39.90
C ALA B 204 -15.30 -4.06 -38.67
N VAL B 205 -15.32 -3.49 -37.45
CA VAL B 205 -14.75 -4.22 -36.28
C VAL B 205 -15.86 -5.00 -35.57
N LYS B 206 -17.12 -4.60 -35.77
CA LYS B 206 -18.34 -5.30 -35.26
C LYS B 206 -18.53 -5.00 -33.78
N VAL B 207 -17.49 -5.19 -32.95
CA VAL B 207 -17.57 -5.11 -31.46
C VAL B 207 -17.72 -3.65 -31.04
N PRO B 208 -18.18 -3.37 -29.80
CA PRO B 208 -18.37 -1.99 -29.34
C PRO B 208 -17.11 -1.16 -29.53
N VAL B 209 -17.31 0.04 -30.06
CA VAL B 209 -16.24 1.02 -30.32
C VAL B 209 -16.42 2.21 -29.35
N LEU B 210 -15.31 2.67 -28.75
CA LEU B 210 -15.27 3.81 -27.81
C LEU B 210 -14.66 5.03 -28.53
N ALA B 211 -15.33 6.16 -28.42
CA ALA B 211 -14.88 7.49 -28.90
C ALA B 211 -14.39 8.30 -27.71
N ASN B 212 -13.13 8.72 -27.75
CA ASN B 212 -12.45 9.45 -26.64
C ASN B 212 -12.62 10.94 -26.90
N ILE B 213 -13.60 11.55 -26.28
CA ILE B 213 -13.94 12.99 -26.48
C ILE B 213 -13.37 13.76 -25.30
N THR B 214 -12.07 14.01 -25.37
CA THR B 214 -11.33 14.84 -24.41
C THR B 214 -11.32 16.28 -24.92
N GLU B 215 -10.97 17.22 -24.07
CA GLU B 215 -10.92 18.66 -24.45
C GLU B 215 -9.52 19.01 -24.91
N PHE B 216 -9.45 20.07 -25.71
CA PHE B 216 -8.22 20.82 -26.06
C PHE B 216 -7.32 19.92 -26.92
N GLY B 217 -7.91 18.93 -27.60
CA GLY B 217 -7.20 17.99 -28.48
C GLY B 217 -7.61 18.19 -29.93
N ALA B 218 -7.32 17.23 -30.80
CA ALA B 218 -7.61 17.30 -32.25
C ALA B 218 -9.08 16.97 -32.49
N THR B 219 -9.73 16.18 -31.63
CA THR B 219 -11.14 15.74 -31.82
C THR B 219 -12.10 16.90 -31.60
N PRO B 220 -13.13 17.08 -32.48
CA PRO B 220 -14.30 17.89 -32.18
C PRO B 220 -15.06 17.32 -30.99
N LEU B 221 -15.78 18.18 -30.30
CA LEU B 221 -16.69 17.80 -29.19
C LEU B 221 -17.96 17.21 -29.82
N PHE B 222 -17.87 15.99 -30.32
CA PHE B 222 -19.04 15.22 -30.87
C PHE B 222 -20.04 14.96 -29.75
N THR B 223 -21.31 15.17 -30.06
CA THR B 223 -22.44 14.91 -29.13
C THR B 223 -22.79 13.42 -29.16
N THR B 224 -23.53 12.95 -28.17
CA THR B 224 -23.99 11.55 -28.06
C THR B 224 -24.92 11.21 -29.24
N ASP B 225 -25.77 12.14 -29.68
CA ASP B 225 -26.64 11.99 -30.88
C ASP B 225 -25.76 11.81 -32.13
N GLU B 226 -24.72 12.62 -32.32
CA GLU B 226 -23.79 12.48 -33.46
C GLU B 226 -23.09 11.12 -33.42
N LEU B 227 -22.65 10.70 -32.25
CA LEU B 227 -21.88 9.44 -32.17
C LEU B 227 -22.79 8.23 -32.32
N ALA B 228 -24.04 8.37 -31.87
CA ALA B 228 -25.06 7.32 -32.03
C ALA B 228 -25.29 7.14 -33.53
N SER B 229 -25.38 8.23 -34.27
CA SER B 229 -25.61 8.21 -35.74
C SER B 229 -24.45 7.52 -36.47
N ALA B 230 -23.25 7.54 -35.91
CA ALA B 230 -22.03 6.89 -36.45
C ALA B 230 -21.79 5.49 -35.84
N ASP B 231 -22.78 4.93 -35.17
CA ASP B 231 -22.80 3.57 -34.55
C ASP B 231 -21.61 3.41 -33.58
N VAL B 232 -21.18 4.47 -32.89
CA VAL B 232 -20.20 4.40 -31.77
C VAL B 232 -20.97 3.93 -30.52
N SER B 233 -20.41 3.03 -29.71
CA SER B 233 -21.08 2.35 -28.58
C SER B 233 -20.77 2.98 -27.21
N LEU B 234 -19.59 3.58 -27.04
CA LEU B 234 -19.11 4.24 -25.80
C LEU B 234 -18.56 5.61 -26.19
N VAL B 235 -18.81 6.59 -25.32
CA VAL B 235 -18.15 7.92 -25.40
C VAL B 235 -17.47 8.19 -24.05
N LEU B 236 -16.19 8.50 -24.11
CA LEU B 236 -15.38 8.70 -22.89
C LEU B 236 -15.11 10.20 -22.69
N TYR B 237 -15.25 10.69 -21.46
CA TYR B 237 -14.86 12.05 -21.03
C TYR B 237 -13.78 11.92 -19.97
N PRO B 238 -12.52 11.77 -20.40
CA PRO B 238 -11.51 11.20 -19.50
C PRO B 238 -11.12 12.09 -18.31
N LEU B 239 -11.03 13.40 -18.53
CA LEU B 239 -10.44 14.35 -17.54
C LEU B 239 -11.37 15.54 -17.28
N SER B 240 -12.56 15.58 -17.90
CA SER B 240 -13.42 16.79 -17.91
C SER B 240 -13.63 17.36 -16.50
N ALA B 241 -14.06 16.53 -15.55
CA ALA B 241 -14.37 17.00 -14.19
C ALA B 241 -13.11 17.48 -13.48
N PHE B 242 -12.01 16.73 -13.64
CA PHE B 242 -10.66 17.08 -13.11
C PHE B 242 -10.26 18.49 -13.57
N ARG B 243 -10.37 18.78 -14.87
CA ARG B 243 -10.00 20.11 -15.40
C ARG B 243 -10.79 21.22 -14.68
N ALA B 244 -12.11 21.09 -14.51
CA ALA B 244 -12.93 22.14 -13.87
C ALA B 244 -12.55 22.21 -12.38
N MET B 245 -12.22 21.08 -11.79
CA MET B 245 -11.89 21.01 -10.35
C MET B 245 -10.57 21.78 -10.10
N ASN B 246 -9.62 21.67 -11.01
CA ASN B 246 -8.30 22.30 -10.83
C ASN B 246 -8.42 23.82 -10.99
N LYS B 247 -9.23 24.29 -11.95
CA LYS B 247 -9.46 25.74 -12.13
C LYS B 247 -10.16 26.30 -10.88
N ALA B 248 -11.13 25.57 -10.32
CA ALA B 248 -11.88 26.01 -9.12
C ALA B 248 -10.93 26.04 -7.91
N ALA B 249 -10.05 25.05 -7.77
CA ALA B 249 -9.12 24.98 -6.62
C ALA B 249 -8.11 26.14 -6.72
N GLU B 250 -7.58 26.35 -7.93
CA GLU B 250 -6.58 27.43 -8.14
C GLU B 250 -7.22 28.78 -7.80
N ASN B 251 -8.46 29.02 -8.20
CA ASN B 251 -9.23 30.25 -7.89
C ASN B 251 -9.28 30.46 -6.37
N VAL B 252 -9.55 29.40 -5.60
CA VAL B 252 -9.62 29.50 -4.12
C VAL B 252 -8.24 29.85 -3.59
N TYR B 253 -7.21 29.18 -4.10
CA TYR B 253 -5.86 29.37 -3.55
C TYR B 253 -5.43 30.83 -3.85
N THR B 254 -5.65 31.30 -5.09
CA THR B 254 -5.38 32.72 -5.47
C THR B 254 -6.09 33.69 -4.52
N ALA B 255 -7.37 33.48 -4.27
CA ALA B 255 -8.19 34.41 -3.46
C ALA B 255 -7.73 34.42 -2.00
N ILE B 256 -7.49 33.24 -1.43
CA ILE B 256 -7.03 33.19 -0.02
C ILE B 256 -5.72 33.95 0.10
N ARG B 257 -4.82 33.78 -0.87
CA ARG B 257 -3.46 34.42 -0.83
C ARG B 257 -3.61 35.93 -1.03
N ARG B 258 -4.42 36.37 -1.99
CA ARG B 258 -4.63 37.80 -2.33
C ARG B 258 -5.42 38.50 -1.21
N ASP B 259 -6.48 37.88 -0.67
CA ASP B 259 -7.46 38.62 0.20
C ASP B 259 -7.21 38.34 1.69
N GLY B 260 -6.41 37.33 2.07
CA GLY B 260 -6.16 36.95 3.47
C GLY B 260 -7.42 36.39 4.11
N THR B 261 -8.28 35.80 3.30
CA THR B 261 -9.55 35.17 3.69
C THR B 261 -10.14 34.51 2.45
N GLN B 262 -11.02 33.55 2.65
CA GLN B 262 -11.77 32.89 1.57
C GLN B 262 -13.13 33.56 1.33
N LYS B 263 -13.37 34.74 1.91
CA LYS B 263 -14.69 35.45 1.89
C LYS B 263 -15.23 35.56 0.46
N ASN B 264 -14.38 35.89 -0.50
CA ASN B 264 -14.79 36.29 -1.86
C ASN B 264 -14.98 35.05 -2.75
N VAL B 265 -14.72 33.83 -2.25
CA VAL B 265 -14.89 32.63 -3.12
C VAL B 265 -15.84 31.61 -2.47
N ILE B 266 -16.46 31.95 -1.32
CA ILE B 266 -17.44 31.08 -0.60
C ILE B 266 -18.51 30.66 -1.60
N ASP B 267 -18.94 31.57 -2.47
CA ASP B 267 -20.03 31.32 -3.45
C ASP B 267 -19.57 30.29 -4.49
N THR B 268 -18.30 29.89 -4.56
CA THR B 268 -17.88 28.87 -5.54
C THR B 268 -17.92 27.49 -4.88
N MET B 269 -18.21 27.43 -3.60
CA MET B 269 -17.99 26.18 -2.81
C MET B 269 -19.25 25.32 -2.68
N GLN B 270 -19.07 24.01 -2.80
CA GLN B 270 -19.99 22.98 -2.26
C GLN B 270 -20.18 23.24 -0.76
N THR B 271 -21.44 23.27 -0.30
CA THR B 271 -21.70 23.55 1.13
C THR B 271 -21.42 22.30 1.96
N ARG B 272 -21.24 22.48 3.26
CA ARG B 272 -21.11 21.33 4.20
C ARG B 272 -22.35 20.45 4.04
N MET B 273 -23.56 21.02 3.94
CA MET B 273 -24.80 20.20 3.83
C MET B 273 -24.74 19.37 2.53
N GLU B 274 -24.28 19.97 1.44
CA GLU B 274 -24.21 19.27 0.14
C GLU B 274 -23.17 18.16 0.27
N LEU B 275 -22.04 18.44 0.92
CA LEU B 275 -20.97 17.41 1.04
C LEU B 275 -21.55 16.25 1.86
N TYR B 276 -22.33 16.55 2.91
CA TYR B 276 -22.88 15.50 3.80
C TYR B 276 -23.85 14.62 3.00
N ASP B 277 -24.64 15.21 2.09
CA ASP B 277 -25.57 14.44 1.21
C ASP B 277 -24.75 13.59 0.21
N ARG B 278 -23.71 14.14 -0.42
CA ARG B 278 -22.98 13.44 -1.51
C ARG B 278 -22.17 12.23 -0.98
N ILE B 279 -21.74 12.21 0.30
CA ILE B 279 -21.04 11.03 0.86
C ILE B 279 -21.98 10.28 1.81
N ASP B 280 -23.27 10.57 1.73
CA ASP B 280 -24.35 9.88 2.49
C ASP B 280 -24.04 9.81 3.99
N TYR B 281 -23.70 10.93 4.59
CA TYR B 281 -23.24 11.02 5.98
C TYR B 281 -24.31 10.41 6.90
N HIS B 282 -25.59 10.66 6.60
CA HIS B 282 -26.69 10.38 7.57
C HIS B 282 -27.08 8.90 7.47
N SER B 283 -26.71 8.18 6.38
CA SER B 283 -26.84 6.70 6.25
C SER B 283 -26.04 5.97 7.33
N PHE B 284 -25.00 6.62 7.87
CA PHE B 284 -24.08 6.04 8.87
C PHE B 284 -24.79 6.05 10.24
N GLU B 285 -25.49 7.13 10.60
CA GLU B 285 -26.36 7.14 11.81
C GLU B 285 -27.45 6.06 11.65
N GLN B 286 -28.10 6.03 10.48
CA GLN B 286 -29.25 5.14 10.12
C GLN B 286 -28.85 3.66 10.18
N LYS B 287 -27.58 3.34 9.88
CA LYS B 287 -26.99 1.99 10.05
C LYS B 287 -26.84 1.66 11.55
N LEU B 288 -26.23 2.55 12.34
CA LEU B 288 -26.08 2.35 13.82
C LEU B 288 -27.44 1.97 14.44
N ASP B 289 -28.53 2.66 14.06
CA ASP B 289 -29.86 2.51 14.71
C ASP B 289 -30.54 1.21 14.26
N ALA B 290 -30.35 0.79 13.00
CA ALA B 290 -30.87 -0.47 12.42
C ALA B 290 -30.23 -1.69 13.10
N LEU B 291 -28.91 -1.68 13.29
CA LEU B 291 -28.14 -2.78 13.95
C LEU B 291 -28.45 -2.80 15.46
N PHE B 292 -28.46 -1.63 16.11
CA PHE B 292 -28.53 -1.46 17.58
C PHE B 292 -29.74 -0.58 17.95
N LEU C 6 23.38 9.17 12.38
CA LEU C 6 24.00 8.78 11.08
C LEU C 6 22.90 8.35 10.12
N THR C 7 23.01 8.73 8.84
CA THR C 7 22.03 8.26 7.84
C THR C 7 22.29 6.78 7.54
N PRO C 8 21.32 6.05 6.97
CA PRO C 8 21.53 4.65 6.66
C PRO C 8 22.72 4.43 5.72
N GLY C 9 22.87 5.30 4.73
CA GLY C 9 23.97 5.23 3.76
C GLY C 9 25.32 5.40 4.43
N GLN C 10 25.40 6.26 5.44
CA GLN C 10 26.63 6.47 6.24
C GLN C 10 26.90 5.19 7.03
N ARG C 11 25.86 4.52 7.50
CA ARG C 11 26.05 3.27 8.27
C ARG C 11 26.59 2.18 7.35
N PHE C 12 26.08 2.08 6.13
CA PHE C 12 26.60 1.07 5.20
C PHE C 12 28.06 1.39 4.87
N ARG C 13 28.31 2.65 4.53
CA ARG C 13 29.69 3.09 4.21
C ARG C 13 30.61 2.76 5.38
N GLU C 14 30.21 3.09 6.61
CA GLU C 14 31.02 2.82 7.82
C GLU C 14 31.25 1.31 7.96
N ALA C 15 30.23 0.50 7.71
CA ALA C 15 30.36 -0.96 7.86
C ALA C 15 31.40 -1.46 6.87
N VAL C 16 31.37 -0.96 5.64
CA VAL C 16 32.34 -1.38 4.60
C VAL C 16 33.77 -0.97 4.99
N ALA C 17 33.95 0.15 5.66
CA ALA C 17 35.31 0.60 5.97
C ALA C 17 35.84 -0.03 7.26
N THR C 18 35.02 -0.77 7.98
CA THR C 18 35.46 -1.31 9.29
C THR C 18 35.33 -2.83 9.36
N GLU C 19 34.96 -3.49 8.27
CA GLU C 19 34.86 -4.96 8.23
C GLU C 19 35.38 -5.37 6.86
N HIS C 20 36.40 -6.23 6.83
CA HIS C 20 37.10 -6.60 5.56
C HIS C 20 37.21 -8.10 5.37
N PRO C 21 36.31 -8.75 4.63
CA PRO C 21 35.18 -8.08 4.02
C PRO C 21 33.92 -8.02 4.90
N LEU C 22 33.08 -7.03 4.61
CA LEU C 22 31.80 -6.83 5.31
C LEU C 22 30.86 -7.95 4.91
N GLN C 23 30.37 -8.71 5.88
CA GLN C 23 29.36 -9.75 5.62
C GLN C 23 27.98 -9.07 5.62
N VAL C 24 27.24 -9.26 4.54
CA VAL C 24 25.88 -8.70 4.34
C VAL C 24 24.98 -9.91 4.16
N VAL C 25 24.03 -10.19 5.05
CA VAL C 25 23.17 -11.40 4.93
C VAL C 25 21.74 -11.04 4.48
N GLY C 26 21.17 -11.85 3.60
CA GLY C 26 19.74 -11.88 3.21
C GLY C 26 18.86 -11.93 4.43
N THR C 27 17.85 -11.05 4.49
CA THR C 27 16.79 -10.99 5.51
C THR C 27 15.45 -10.97 4.79
N ILE C 28 14.70 -12.06 4.88
CA ILE C 28 13.46 -12.31 4.08
C ILE C 28 12.31 -11.44 4.64
N ASN C 29 12.39 -11.04 5.91
CA ASN C 29 11.30 -10.28 6.60
C ASN C 29 11.91 -9.54 7.79
N ALA C 30 11.09 -8.77 8.50
CA ALA C 30 11.52 -7.89 9.60
C ALA C 30 12.06 -8.77 10.75
N ASN C 31 11.40 -9.88 11.02
CA ASN C 31 11.77 -10.83 12.11
C ASN C 31 13.22 -11.27 11.90
N HIS C 32 13.61 -11.60 10.66
CA HIS C 32 14.95 -12.16 10.34
C HIS C 32 15.97 -11.04 10.32
N ALA C 33 15.59 -9.80 10.01
CA ALA C 33 16.52 -8.66 10.14
C ALA C 33 16.94 -8.54 11.61
N LEU C 34 16.00 -8.68 12.55
CA LEU C 34 16.34 -8.64 14.01
C LEU C 34 17.21 -9.86 14.36
N LEU C 35 16.93 -11.04 13.81
CA LEU C 35 17.80 -12.23 14.08
C LEU C 35 19.22 -11.98 13.58
N ALA C 36 19.38 -11.36 12.41
CA ALA C 36 20.68 -10.97 11.81
C ALA C 36 21.41 -10.01 12.73
N LYS C 37 20.70 -9.02 13.29
CA LYS C 37 21.32 -8.00 14.16
C LYS C 37 21.81 -8.71 15.42
N ARG C 38 21.00 -9.59 16.00
CA ARG C 38 21.37 -10.34 17.21
C ARG C 38 22.63 -11.18 16.92
N ALA C 39 22.73 -11.78 15.73
CA ALA C 39 23.92 -12.52 15.22
C ALA C 39 25.18 -11.63 15.10
N GLY C 40 25.07 -10.30 15.13
CA GLY C 40 26.22 -9.36 15.13
C GLY C 40 26.61 -8.90 13.72
N PHE C 41 25.81 -9.21 12.69
CA PHE C 41 26.04 -8.64 11.33
C PHE C 41 25.91 -7.11 11.39
N LYS C 42 26.62 -6.40 10.51
CA LYS C 42 26.62 -4.92 10.48
C LYS C 42 25.75 -4.41 9.32
N ALA C 43 25.25 -5.30 8.46
CA ALA C 43 24.48 -4.88 7.27
C ALA C 43 23.66 -6.07 6.81
N ILE C 44 22.52 -5.78 6.21
CA ILE C 44 21.53 -6.80 5.77
C ILE C 44 21.09 -6.47 4.34
N TYR C 45 20.44 -7.44 3.71
CA TYR C 45 20.14 -7.44 2.27
C TYR C 45 18.69 -7.83 2.06
N LEU C 46 18.00 -7.07 1.21
CA LEU C 46 16.68 -7.49 0.66
C LEU C 46 16.88 -8.04 -0.73
N SER C 47 16.90 -9.37 -0.86
CA SER C 47 16.99 -10.09 -2.16
C SER C 47 15.74 -9.82 -3.00
N GLY C 48 15.91 -9.45 -4.27
CA GLY C 48 14.76 -9.35 -5.21
C GLY C 48 14.16 -10.71 -5.44
N GLY C 49 14.99 -11.75 -5.53
CA GLY C 49 14.53 -13.15 -5.66
C GLY C 49 13.73 -13.62 -4.46
N GLY C 50 14.09 -13.15 -3.27
CA GLY C 50 13.37 -13.50 -2.03
C GLY C 50 12.04 -12.74 -1.89
N VAL C 51 11.98 -11.46 -2.25
CA VAL C 51 10.67 -10.74 -2.36
C VAL C 51 9.77 -11.55 -3.27
N ALA C 52 10.27 -11.98 -4.43
CA ALA C 52 9.43 -12.71 -5.40
C ALA C 52 9.03 -14.06 -4.80
N ALA C 53 10.01 -14.88 -4.40
CA ALA C 53 9.76 -16.28 -3.97
C ALA C 53 9.17 -16.32 -2.55
N GLY C 54 9.62 -15.47 -1.63
CA GLY C 54 9.17 -15.49 -0.22
C GLY C 54 7.88 -14.70 -0.04
N SER C 55 7.95 -13.39 -0.29
CA SER C 55 6.83 -12.46 -0.11
C SER C 55 5.71 -12.77 -1.09
N LEU C 56 6.01 -13.02 -2.38
CA LEU C 56 4.94 -13.20 -3.40
C LEU C 56 4.70 -14.68 -3.76
N GLY C 57 5.59 -15.59 -3.39
CA GLY C 57 5.55 -17.01 -3.84
C GLY C 57 5.59 -17.15 -5.35
N LEU C 58 6.44 -16.35 -6.00
CA LEU C 58 6.61 -16.23 -7.48
C LEU C 58 8.06 -16.45 -7.87
N PRO C 59 8.33 -16.95 -9.11
CA PRO C 59 9.68 -16.98 -9.64
C PRO C 59 10.22 -15.57 -9.82
N ASP C 60 11.55 -15.47 -9.88
CA ASP C 60 12.33 -14.22 -10.00
C ASP C 60 12.47 -13.87 -11.50
N LEU C 61 11.37 -13.51 -12.16
CA LEU C 61 11.26 -13.23 -13.62
C LEU C 61 10.69 -11.83 -13.85
N GLY C 62 10.87 -10.93 -12.88
CA GLY C 62 10.55 -9.49 -13.03
C GLY C 62 9.04 -9.24 -12.97
N ILE C 63 8.32 -10.07 -12.22
CA ILE C 63 6.87 -9.96 -11.90
C ILE C 63 6.72 -9.02 -10.69
N SER C 64 7.53 -9.24 -9.65
CA SER C 64 7.78 -8.33 -8.50
C SER C 64 8.06 -6.93 -9.05
N GLY C 65 7.49 -5.90 -8.45
CA GLY C 65 7.71 -4.49 -8.83
C GLY C 65 8.11 -3.63 -7.65
N LEU C 66 8.33 -2.33 -7.89
CA LEU C 66 8.81 -1.37 -6.87
C LEU C 66 7.98 -1.46 -5.58
N ASP C 67 6.64 -1.53 -5.66
CA ASP C 67 5.73 -1.47 -4.47
C ASP C 67 5.92 -2.71 -3.60
N ASP C 68 6.12 -3.87 -4.23
CA ASP C 68 6.38 -5.14 -3.51
C ASP C 68 7.66 -4.97 -2.71
N VAL C 69 8.70 -4.43 -3.32
CA VAL C 69 10.01 -4.27 -2.65
C VAL C 69 9.85 -3.25 -1.53
N LEU C 70 9.24 -2.09 -1.79
CA LEU C 70 9.16 -0.96 -0.82
C LEU C 70 8.41 -1.43 0.45
N THR C 71 7.41 -2.29 0.29
CA THR C 71 6.63 -2.84 1.44
C THR C 71 7.62 -3.52 2.39
N ASP C 72 8.44 -4.40 1.86
CA ASP C 72 9.44 -5.16 2.65
C ASP C 72 10.51 -4.21 3.18
N VAL C 73 10.98 -3.26 2.37
CA VAL C 73 11.98 -2.25 2.86
C VAL C 73 11.45 -1.55 4.12
N ARG C 74 10.22 -1.05 4.04
CA ARG C 74 9.57 -0.28 5.10
C ARG C 74 9.42 -1.18 6.34
N ARG C 75 8.90 -2.39 6.14
CA ARG C 75 8.71 -3.33 7.29
C ARG C 75 10.04 -3.55 8.00
N ILE C 76 11.10 -3.79 7.25
CA ILE C 76 12.41 -4.16 7.85
C ILE C 76 12.99 -2.94 8.54
N THR C 77 13.06 -1.78 7.85
CA THR C 77 13.76 -0.57 8.34
C THR C 77 12.95 0.11 9.46
N ASP C 78 11.66 -0.21 9.60
CA ASP C 78 10.83 0.32 10.71
C ASP C 78 11.30 -0.25 12.05
N VAL C 79 11.80 -1.49 12.13
CA VAL C 79 12.18 -2.15 13.42
C VAL C 79 13.71 -2.33 13.53
N CYS C 80 14.43 -2.44 12.43
CA CYS C 80 15.87 -2.80 12.46
C CYS C 80 16.66 -1.65 11.86
N ASP C 81 17.70 -1.19 12.57
CA ASP C 81 18.48 0.02 12.23
C ASP C 81 19.78 -0.38 11.49
N LEU C 82 19.95 -1.65 11.13
CA LEU C 82 21.13 -2.05 10.33
C LEU C 82 20.91 -1.55 8.90
N PRO C 83 21.97 -1.01 8.26
CA PRO C 83 21.90 -0.61 6.86
C PRO C 83 21.46 -1.76 5.94
N LEU C 84 20.41 -1.49 5.15
CA LEU C 84 19.78 -2.44 4.22
C LEU C 84 20.24 -2.11 2.81
N LEU C 85 20.86 -3.08 2.16
CA LEU C 85 21.15 -3.07 0.72
C LEU C 85 19.95 -3.69 0.00
N VAL C 86 19.44 -3.01 -1.02
CA VAL C 86 18.19 -3.48 -1.71
C VAL C 86 18.47 -3.75 -3.18
N ASP C 87 18.03 -4.90 -3.62
CA ASP C 87 18.01 -5.31 -5.04
C ASP C 87 16.87 -4.57 -5.76
N VAL C 88 17.18 -3.71 -6.73
CA VAL C 88 16.10 -2.97 -7.47
C VAL C 88 16.05 -3.43 -8.94
N ASP C 89 16.63 -4.61 -9.24
CA ASP C 89 16.60 -5.14 -10.62
C ASP C 89 17.24 -4.09 -11.53
N THR C 90 16.53 -3.71 -12.60
CA THR C 90 17.03 -2.70 -13.57
C THR C 90 16.49 -1.29 -13.25
N GLY C 91 15.85 -1.12 -12.09
CA GLY C 91 15.28 0.17 -11.67
C GLY C 91 13.76 0.28 -11.80
N PHE C 92 13.04 -0.81 -12.13
CA PHE C 92 11.56 -0.87 -12.15
C PHE C 92 10.94 0.10 -13.17
N GLY C 93 11.31 -0.07 -14.44
CA GLY C 93 10.89 0.78 -15.57
C GLY C 93 12.11 1.21 -16.36
N SER C 94 11.94 1.45 -17.67
CA SER C 94 13.06 1.57 -18.63
C SER C 94 13.60 3.00 -18.68
N SER C 95 12.81 4.01 -18.28
CA SER C 95 13.18 5.45 -18.44
C SER C 95 13.99 5.93 -17.24
N ALA C 96 14.78 6.98 -17.45
CA ALA C 96 15.51 7.72 -16.40
C ALA C 96 14.53 8.11 -15.27
N PHE C 97 13.24 8.36 -15.58
CA PHE C 97 12.24 8.86 -14.59
C PHE C 97 11.88 7.71 -13.65
N ASN C 98 11.83 6.48 -14.16
CA ASN C 98 11.50 5.30 -13.33
C ASN C 98 12.66 5.06 -12.36
N VAL C 99 13.89 5.10 -12.87
CA VAL C 99 15.09 4.89 -12.03
C VAL C 99 15.09 5.96 -10.94
N ALA C 100 14.79 7.22 -11.31
CA ALA C 100 14.78 8.38 -10.38
C ALA C 100 13.72 8.14 -9.30
N ARG C 101 12.53 7.67 -9.67
CA ARG C 101 11.49 7.40 -8.65
C ARG C 101 11.93 6.27 -7.72
N THR C 102 12.55 5.23 -8.27
CA THR C 102 13.06 4.09 -7.47
C THR C 102 14.06 4.61 -6.43
N VAL C 103 15.03 5.42 -6.84
CA VAL C 103 16.08 5.96 -5.94
C VAL C 103 15.42 6.77 -4.82
N LYS C 104 14.55 7.73 -5.18
CA LYS C 104 13.93 8.63 -4.18
C LYS C 104 13.09 7.81 -3.19
N SER C 105 12.40 6.78 -3.67
CA SER C 105 11.57 5.89 -2.81
C SER C 105 12.45 5.10 -1.85
N MET C 106 13.52 4.51 -2.36
CA MET C 106 14.43 3.70 -1.52
C MET C 106 14.97 4.60 -0.41
N ILE C 107 15.36 5.83 -0.75
CA ILE C 107 15.93 6.73 0.28
C ILE C 107 14.83 7.07 1.28
N LYS C 108 13.60 7.30 0.80
CA LYS C 108 12.52 7.78 1.70
C LYS C 108 12.11 6.64 2.67
N PHE C 109 12.00 5.40 2.17
CA PHE C 109 11.57 4.21 2.97
C PHE C 109 12.72 3.70 3.84
N GLY C 110 13.93 4.30 3.75
CA GLY C 110 15.05 4.18 4.71
C GLY C 110 16.12 3.14 4.31
N ALA C 111 16.17 2.74 3.04
CA ALA C 111 17.21 1.83 2.50
C ALA C 111 18.54 2.56 2.59
N ALA C 112 19.65 1.83 2.73
CA ALA C 112 21.02 2.41 2.87
C ALA C 112 21.71 2.40 1.51
N ALA C 113 21.37 1.43 0.66
CA ALA C 113 22.05 1.14 -0.61
C ALA C 113 21.10 0.39 -1.54
N MET C 114 21.35 0.47 -2.84
CA MET C 114 20.68 -0.40 -3.83
C MET C 114 21.71 -0.87 -4.85
N HIS C 115 21.48 -2.03 -5.43
CA HIS C 115 22.21 -2.47 -6.64
C HIS C 115 21.23 -2.43 -7.80
N ILE C 116 21.68 -1.89 -8.92
CA ILE C 116 20.95 -1.82 -10.22
C ILE C 116 21.84 -2.48 -11.26
N GLU C 117 21.23 -3.33 -12.08
CA GLU C 117 21.98 -4.22 -13.00
C GLU C 117 21.81 -3.80 -14.46
N ASP C 118 22.64 -4.40 -15.32
CA ASP C 118 22.68 -4.07 -16.77
C ASP C 118 21.91 -5.10 -17.59
N GLN C 119 21.09 -5.92 -16.96
CA GLN C 119 20.27 -6.90 -17.71
C GLN C 119 19.24 -6.20 -18.62
N VAL C 120 18.83 -6.94 -19.64
CA VAL C 120 17.81 -6.49 -20.62
C VAL C 120 16.43 -6.97 -20.18
N GLU C 132 21.27 -11.68 -21.67
CA GLU C 132 21.69 -10.54 -22.52
C GLU C 132 21.72 -9.24 -21.69
N ILE C 133 22.57 -8.30 -22.06
CA ILE C 133 22.80 -7.06 -21.28
C ILE C 133 22.67 -5.84 -22.20
N VAL C 134 22.28 -4.70 -21.63
CA VAL C 134 22.23 -3.40 -22.35
C VAL C 134 23.67 -2.95 -22.68
N SER C 135 23.81 -2.06 -23.65
CA SER C 135 25.08 -1.37 -23.98
C SER C 135 25.73 -0.75 -22.74
N GLN C 136 27.05 -0.59 -22.77
CA GLN C 136 27.80 0.12 -21.70
C GLN C 136 27.16 1.52 -21.48
N GLN C 137 26.81 2.23 -22.56
CA GLN C 137 26.26 3.61 -22.49
C GLN C 137 24.85 3.58 -21.88
N GLU C 138 24.04 2.55 -22.15
CA GLU C 138 22.67 2.45 -21.59
C GLU C 138 22.76 2.17 -20.08
N MET C 139 23.77 1.39 -19.65
CA MET C 139 24.03 1.12 -18.21
C MET C 139 24.53 2.40 -17.53
N VAL C 140 25.45 3.11 -18.16
CA VAL C 140 25.98 4.41 -17.64
C VAL C 140 24.80 5.39 -17.46
N ASP C 141 23.86 5.38 -18.39
CA ASP C 141 22.67 6.28 -18.36
C ASP C 141 21.80 5.94 -17.14
N ARG C 142 21.56 4.65 -16.87
CA ARG C 142 20.85 4.15 -15.66
C ARG C 142 21.55 4.69 -14.41
N ILE C 143 22.87 4.53 -14.33
CA ILE C 143 23.66 4.99 -13.16
C ILE C 143 23.58 6.53 -13.07
N LYS C 144 23.76 7.27 -14.16
CA LYS C 144 23.67 8.76 -14.08
C LYS C 144 22.28 9.16 -13.58
N ALA C 145 21.22 8.49 -14.02
CA ALA C 145 19.83 8.81 -13.63
C ALA C 145 19.65 8.56 -12.13
N ALA C 146 20.22 7.47 -11.61
CA ALA C 146 20.13 7.11 -10.17
C ALA C 146 20.94 8.11 -9.32
N VAL C 147 22.16 8.37 -9.75
CA VAL C 147 23.05 9.39 -9.09
C VAL C 147 22.41 10.79 -9.10
N ASP C 148 21.78 11.19 -10.21
CA ASP C 148 21.14 12.52 -10.34
C ASP C 148 19.93 12.64 -9.39
N ALA C 149 19.22 11.55 -9.13
CA ALA C 149 17.97 11.52 -8.32
C ALA C 149 18.30 11.48 -6.82
N ARG C 150 19.52 11.07 -6.47
CA ARG C 150 19.94 10.92 -5.05
C ARG C 150 19.86 12.26 -4.32
N SER C 151 18.99 12.37 -3.30
CA SER C 151 18.85 13.58 -2.44
C SER C 151 19.90 13.54 -1.32
N ASP C 152 20.33 12.34 -0.95
CA ASP C 152 21.27 12.07 0.18
C ASP C 152 22.49 11.37 -0.40
N ASP C 153 23.61 12.09 -0.58
CA ASP C 153 24.79 11.53 -1.30
C ASP C 153 25.37 10.33 -0.53
N SER C 154 25.08 10.20 0.78
CA SER C 154 25.49 9.05 1.63
C SER C 154 24.85 7.73 1.15
N PHE C 155 23.67 7.79 0.50
CA PHE C 155 23.00 6.59 -0.07
C PHE C 155 23.89 6.01 -1.18
N VAL C 156 24.10 4.70 -1.13
CA VAL C 156 25.09 3.98 -1.98
C VAL C 156 24.38 3.44 -3.21
N ILE C 157 24.85 3.85 -4.39
CA ILE C 157 24.48 3.22 -5.68
C ILE C 157 25.61 2.25 -6.05
N MET C 158 25.29 0.96 -6.07
CA MET C 158 26.17 -0.16 -6.47
C MET C 158 25.73 -0.62 -7.86
N ALA C 159 26.64 -0.59 -8.83
CA ALA C 159 26.41 -1.12 -10.20
C ALA C 159 26.63 -2.63 -10.22
N ARG C 160 25.63 -3.38 -10.61
CA ARG C 160 25.73 -4.83 -10.87
C ARG C 160 25.87 -5.08 -12.37
N THR C 161 26.87 -5.84 -12.79
CA THR C 161 27.06 -6.19 -14.22
C THR C 161 27.15 -7.71 -14.39
N ASP C 162 26.49 -8.24 -15.42
CA ASP C 162 26.74 -9.59 -15.99
C ASP C 162 27.59 -9.47 -17.28
N ALA C 163 28.51 -8.50 -17.37
CA ALA C 163 29.40 -8.33 -18.55
C ALA C 163 30.41 -9.49 -18.65
N LEU C 164 30.92 -9.97 -17.51
CA LEU C 164 31.97 -11.04 -17.45
C LEU C 164 31.51 -12.25 -18.27
N ALA C 165 30.27 -12.70 -18.03
CA ALA C 165 29.65 -13.89 -18.67
C ALA C 165 29.25 -13.63 -20.13
N VAL C 166 29.18 -12.38 -20.60
CA VAL C 166 28.76 -12.07 -22.02
C VAL C 166 29.97 -11.64 -22.85
N GLU C 167 30.88 -10.83 -22.29
CA GLU C 167 31.93 -10.08 -23.05
C GLU C 167 33.33 -10.28 -22.41
N GLY C 168 33.43 -10.85 -21.20
CA GLY C 168 34.72 -11.22 -20.55
C GLY C 168 35.19 -10.22 -19.51
N LEU C 169 36.33 -10.53 -18.91
CA LEU C 169 36.84 -9.81 -17.71
C LEU C 169 37.19 -8.37 -18.07
N GLN C 170 37.81 -8.12 -19.22
CA GLN C 170 38.26 -6.74 -19.57
C GLN C 170 37.01 -5.88 -19.84
N ALA C 171 36.01 -6.45 -20.53
CA ALA C 171 34.70 -5.82 -20.81
C ALA C 171 34.02 -5.44 -19.49
N ALA C 172 34.00 -6.38 -18.55
CA ALA C 172 33.35 -6.21 -17.23
C ALA C 172 34.09 -5.09 -16.49
N ILE C 173 35.43 -5.05 -16.54
CA ILE C 173 36.25 -4.00 -15.85
C ILE C 173 35.99 -2.62 -16.47
N ASP C 174 35.95 -2.54 -17.81
CA ASP C 174 35.71 -1.29 -18.57
C ASP C 174 34.30 -0.73 -18.22
N ARG C 175 33.31 -1.62 -18.16
CA ARG C 175 31.92 -1.27 -17.85
C ARG C 175 31.83 -0.75 -16.42
N ALA C 176 32.43 -1.49 -15.48
CA ALA C 176 32.48 -1.13 -14.05
C ALA C 176 33.19 0.21 -13.90
N CYS C 177 34.24 0.43 -14.69
CA CYS C 177 35.02 1.70 -14.64
C CYS C 177 34.16 2.84 -15.20
N ALA C 178 33.40 2.64 -16.27
CA ALA C 178 32.52 3.70 -16.81
C ALA C 178 31.42 4.01 -15.77
N CYS C 179 30.84 3.00 -15.11
CA CYS C 179 29.79 3.21 -14.07
C CYS C 179 30.39 4.03 -12.91
N VAL C 180 31.64 3.78 -12.55
CA VAL C 180 32.31 4.54 -11.46
C VAL C 180 32.46 5.99 -11.91
N GLU C 181 32.87 6.23 -13.17
CA GLU C 181 33.01 7.60 -13.73
C GLU C 181 31.66 8.33 -13.62
N ALA C 182 30.56 7.58 -13.77
CA ALA C 182 29.15 8.07 -13.66
C ALA C 182 28.66 8.15 -12.21
N GLY C 183 29.48 7.86 -11.20
CA GLY C 183 29.13 8.08 -9.77
C GLY C 183 28.69 6.84 -9.01
N ALA C 184 28.74 5.65 -9.63
CA ALA C 184 28.58 4.34 -8.96
C ALA C 184 29.57 4.29 -7.80
N ASP C 185 29.10 3.96 -6.60
CA ASP C 185 29.94 4.00 -5.38
C ASP C 185 30.64 2.64 -5.19
N MET C 186 30.01 1.54 -5.62
CA MET C 186 30.55 0.17 -5.44
C MET C 186 30.13 -0.69 -6.62
N ILE C 187 30.74 -1.86 -6.77
CA ILE C 187 30.54 -2.74 -7.95
C ILE C 187 30.26 -4.18 -7.51
N PHE C 188 29.31 -4.80 -8.19
CA PHE C 188 28.76 -6.16 -7.97
C PHE C 188 28.87 -6.88 -9.29
N PRO C 189 30.02 -7.55 -9.54
CA PRO C 189 30.20 -8.33 -10.75
C PRO C 189 29.51 -9.68 -10.56
N GLU C 190 28.71 -10.10 -11.52
CA GLU C 190 27.99 -11.39 -11.45
C GLU C 190 28.86 -12.51 -12.05
N ALA C 191 28.56 -13.75 -11.66
CA ALA C 191 29.17 -14.99 -12.20
C ALA C 191 30.70 -14.87 -12.24
N MET C 192 31.32 -14.35 -11.18
CA MET C 192 32.79 -14.34 -10.97
C MET C 192 33.12 -15.44 -9.96
N THR C 193 33.99 -16.40 -10.35
CA THR C 193 34.16 -17.75 -9.73
C THR C 193 35.62 -18.08 -9.32
N GLU C 194 36.59 -17.22 -9.61
CA GLU C 194 38.02 -17.42 -9.23
C GLU C 194 38.45 -16.24 -8.37
N LEU C 195 39.07 -16.50 -7.23
CA LEU C 195 39.67 -15.45 -6.37
C LEU C 195 40.64 -14.58 -7.20
N ALA C 196 41.45 -15.18 -8.07
CA ALA C 196 42.41 -14.47 -8.96
C ALA C 196 41.68 -13.35 -9.71
N MET C 197 40.53 -13.67 -10.32
CA MET C 197 39.68 -12.74 -11.11
C MET C 197 39.13 -11.64 -10.19
N TYR C 198 38.59 -11.99 -9.02
CA TYR C 198 38.15 -10.99 -8.00
C TYR C 198 39.30 -10.03 -7.72
N LYS C 199 40.49 -10.58 -7.49
CA LYS C 199 41.68 -9.78 -7.09
C LYS C 199 42.06 -8.81 -8.22
N GLU C 200 42.05 -9.29 -9.47
CA GLU C 200 42.35 -8.48 -10.69
C GLU C 200 41.33 -7.33 -10.75
N PHE C 201 40.06 -7.71 -10.66
CA PHE C 201 38.88 -6.81 -10.79
C PHE C 201 38.94 -5.69 -9.73
N ALA C 202 39.18 -6.06 -8.48
CA ALA C 202 39.23 -5.12 -7.34
C ALA C 202 40.34 -4.08 -7.55
N ALA C 203 41.49 -4.50 -8.10
CA ALA C 203 42.66 -3.63 -8.36
C ALA C 203 42.33 -2.65 -9.48
N ALA C 204 41.62 -3.11 -10.52
CA ALA C 204 41.24 -2.32 -11.70
C ALA C 204 40.16 -1.26 -11.36
N VAL C 205 39.12 -1.62 -10.60
CA VAL C 205 37.92 -0.74 -10.47
C VAL C 205 38.05 0.18 -9.24
N LYS C 206 38.91 -0.17 -8.27
CA LYS C 206 39.37 0.70 -7.15
C LYS C 206 38.29 0.76 -6.05
N VAL C 207 37.03 1.09 -6.39
CA VAL C 207 35.90 1.18 -5.42
C VAL C 207 35.62 -0.19 -4.83
N PRO C 208 34.93 -0.29 -3.66
CA PRO C 208 34.57 -1.59 -3.09
C PRO C 208 33.85 -2.55 -4.04
N VAL C 209 34.23 -3.84 -4.00
CA VAL C 209 33.67 -4.92 -4.84
C VAL C 209 32.93 -5.85 -3.90
N LEU C 210 31.72 -6.27 -4.29
CA LEU C 210 30.91 -7.26 -3.56
C LEU C 210 31.08 -8.60 -4.26
N ALA C 211 31.20 -9.68 -3.49
CA ALA C 211 31.17 -11.07 -4.01
C ALA C 211 29.86 -11.72 -3.58
N ASN C 212 29.08 -12.20 -4.53
CA ASN C 212 27.79 -12.87 -4.25
C ASN C 212 28.04 -14.36 -4.00
N ILE C 213 28.07 -14.79 -2.73
CA ILE C 213 28.32 -16.22 -2.36
C ILE C 213 26.98 -16.89 -2.03
N THR C 214 26.17 -17.12 -3.05
CA THR C 214 24.90 -17.86 -2.95
C THR C 214 25.20 -19.36 -3.10
N GLU C 215 24.27 -20.21 -2.66
CA GLU C 215 24.40 -21.69 -2.65
C GLU C 215 23.86 -22.25 -3.97
N PHE C 216 24.33 -23.44 -4.33
CA PHE C 216 23.78 -24.28 -5.42
C PHE C 216 23.91 -23.57 -6.76
N GLY C 217 24.97 -22.77 -6.93
CA GLY C 217 25.31 -22.06 -8.18
C GLY C 217 26.74 -22.33 -8.61
N ALA C 218 27.26 -21.54 -9.55
CA ALA C 218 28.61 -21.71 -10.10
C ALA C 218 29.67 -21.37 -9.05
N THR C 219 29.41 -20.42 -8.15
CA THR C 219 30.49 -19.84 -7.29
C THR C 219 30.84 -20.81 -6.17
N PRO C 220 32.15 -21.00 -5.89
CA PRO C 220 32.62 -21.66 -4.67
C PRO C 220 32.23 -20.94 -3.38
N LEU C 221 32.12 -21.71 -2.30
CA LEU C 221 31.79 -21.20 -0.95
C LEU C 221 33.05 -20.58 -0.35
N PHE C 222 33.55 -19.51 -0.97
CA PHE C 222 34.75 -18.76 -0.51
C PHE C 222 34.52 -18.23 0.90
N THR C 223 35.59 -18.22 1.69
CA THR C 223 35.61 -17.75 3.10
C THR C 223 35.92 -16.25 3.10
N THR C 224 35.65 -15.59 4.22
CA THR C 224 36.00 -14.16 4.45
C THR C 224 37.51 -13.96 4.33
N ASP C 225 38.32 -14.89 4.85
CA ASP C 225 39.81 -14.79 4.72
C ASP C 225 40.19 -14.82 3.23
N GLU C 226 39.64 -15.78 2.47
CA GLU C 226 39.87 -16.02 1.01
C GLU C 226 39.47 -14.80 0.20
N LEU C 227 38.32 -14.21 0.53
CA LEU C 227 37.86 -13.01 -0.18
C LEU C 227 38.69 -11.81 0.23
N ALA C 228 39.05 -11.69 1.49
CA ALA C 228 39.93 -10.60 1.93
C ALA C 228 41.25 -10.63 1.16
N SER C 229 41.83 -11.81 0.95
CA SER C 229 43.10 -11.99 0.20
C SER C 229 42.94 -11.49 -1.23
N ALA C 230 41.72 -11.59 -1.76
CA ALA C 230 41.38 -11.11 -3.14
C ALA C 230 40.96 -9.64 -3.12
N ASP C 231 41.02 -8.98 -1.96
CA ASP C 231 40.76 -7.53 -1.78
C ASP C 231 39.28 -7.20 -2.08
N VAL C 232 38.40 -8.22 -2.10
CA VAL C 232 36.90 -8.14 -2.05
C VAL C 232 36.46 -7.39 -0.78
N SER C 233 35.54 -6.40 -0.89
CA SER C 233 35.15 -5.49 0.22
C SER C 233 33.81 -5.90 0.87
N LEU C 234 32.94 -6.60 0.14
CA LEU C 234 31.65 -7.10 0.68
C LEU C 234 31.44 -8.54 0.23
N VAL C 235 30.87 -9.36 1.10
CA VAL C 235 30.41 -10.71 0.72
C VAL C 235 28.94 -10.80 1.07
N LEU C 236 28.14 -11.29 0.12
CA LEU C 236 26.66 -11.33 0.20
C LEU C 236 26.23 -12.79 0.32
N TYR C 237 25.38 -13.09 1.31
CA TYR C 237 24.70 -14.41 1.47
C TYR C 237 23.23 -14.11 1.20
N PRO C 238 22.82 -13.99 -0.08
CA PRO C 238 21.51 -13.41 -0.40
C PRO C 238 20.26 -14.16 0.07
N LEU C 239 20.22 -15.49 0.01
CA LEU C 239 19.01 -16.28 0.36
C LEU C 239 19.29 -17.37 1.41
N SER C 240 20.45 -17.37 2.06
CA SER C 240 20.96 -18.52 2.88
C SER C 240 19.96 -18.90 3.98
N ALA C 241 19.53 -17.95 4.82
CA ALA C 241 18.61 -18.22 5.96
C ALA C 241 17.25 -18.68 5.42
N PHE C 242 16.79 -18.08 4.31
CA PHE C 242 15.47 -18.37 3.69
C PHE C 242 15.42 -19.83 3.24
N ARG C 243 16.51 -20.36 2.64
CA ARG C 243 16.52 -21.78 2.20
C ARG C 243 16.30 -22.69 3.43
N ALA C 244 17.02 -22.49 4.51
CA ALA C 244 16.88 -23.27 5.77
C ALA C 244 15.45 -23.11 6.31
N MET C 245 14.89 -21.91 6.21
CA MET C 245 13.59 -21.63 6.82
C MET C 245 12.53 -22.42 6.07
N ASN C 246 12.64 -22.55 4.73
CA ASN C 246 11.65 -23.27 3.88
C ASN C 246 11.66 -24.79 4.17
N LYS C 247 12.86 -25.35 4.28
CA LYS C 247 13.02 -26.82 4.51
C LYS C 247 12.37 -27.13 5.87
N ALA C 248 12.74 -26.36 6.88
CA ALA C 248 12.20 -26.41 8.27
C ALA C 248 10.67 -26.29 8.28
N ALA C 249 10.11 -25.30 7.61
CA ALA C 249 8.63 -25.14 7.56
C ALA C 249 8.01 -26.37 6.88
N GLU C 250 8.59 -26.87 5.79
CA GLU C 250 7.97 -27.96 5.00
C GLU C 250 7.86 -29.22 5.87
N ASN C 251 8.87 -29.44 6.69
CA ASN C 251 9.07 -30.59 7.59
C ASN C 251 7.98 -30.55 8.64
N VAL C 252 7.65 -29.34 9.11
CA VAL C 252 6.53 -29.12 10.06
C VAL C 252 5.21 -29.47 9.37
N TYR C 253 4.96 -29.00 8.15
CA TYR C 253 3.68 -29.24 7.41
C TYR C 253 3.51 -30.75 7.14
N THR C 254 4.55 -31.41 6.66
CA THR C 254 4.52 -32.87 6.37
C THR C 254 4.21 -33.66 7.65
N ALA C 255 4.90 -33.32 8.75
CA ALA C 255 4.76 -34.00 10.07
C ALA C 255 3.35 -33.78 10.62
N ILE C 256 2.80 -32.58 10.49
CA ILE C 256 1.41 -32.31 11.00
C ILE C 256 0.39 -33.11 10.18
N ARG C 257 0.51 -33.10 8.85
CA ARG C 257 -0.43 -33.83 7.96
C ARG C 257 -0.38 -35.33 8.27
N ARG C 258 0.82 -35.87 8.50
CA ARG C 258 1.04 -37.34 8.63
C ARG C 258 0.65 -37.78 10.05
N ASP C 259 1.18 -37.10 11.06
CA ASP C 259 1.04 -37.49 12.50
C ASP C 259 -0.33 -37.05 13.06
N GLY C 260 -0.94 -36.00 12.52
CA GLY C 260 -2.20 -35.45 13.07
C GLY C 260 -1.91 -34.69 14.36
N THR C 261 -0.73 -34.08 14.42
CA THR C 261 -0.18 -33.35 15.59
C THR C 261 1.23 -32.86 15.23
N GLN C 262 1.66 -31.76 15.86
CA GLN C 262 3.01 -31.18 15.67
C GLN C 262 3.98 -31.72 16.72
N LYS C 263 3.52 -32.61 17.62
CA LYS C 263 4.30 -33.08 18.79
C LYS C 263 5.69 -33.55 18.34
N ASN C 264 5.78 -34.25 17.22
CA ASN C 264 7.02 -34.98 16.83
C ASN C 264 7.97 -34.03 16.10
N VAL C 265 7.69 -32.71 16.07
CA VAL C 265 8.61 -31.72 15.44
C VAL C 265 8.80 -30.49 16.33
N ILE C 266 8.37 -30.57 17.59
CA ILE C 266 8.48 -29.46 18.56
C ILE C 266 9.94 -29.10 18.74
N ASP C 267 10.82 -30.09 18.63
CA ASP C 267 12.26 -29.84 18.88
C ASP C 267 12.94 -29.06 17.76
N THR C 268 12.30 -28.85 16.62
CA THR C 268 12.88 -28.03 15.53
C THR C 268 12.36 -26.59 15.65
N MET C 269 11.65 -26.24 16.74
CA MET C 269 10.94 -24.93 16.85
C MET C 269 11.67 -23.97 17.79
N GLN C 270 11.78 -22.71 17.38
CA GLN C 270 12.04 -21.57 18.29
C GLN C 270 10.91 -21.60 19.33
N THR C 271 11.25 -21.56 20.60
CA THR C 271 10.28 -21.60 21.73
C THR C 271 9.58 -20.23 21.78
N ARG C 272 8.47 -20.14 22.51
CA ARG C 272 7.77 -18.86 22.76
C ARG C 272 8.74 -17.93 23.48
N MET C 273 9.42 -18.40 24.54
CA MET C 273 10.41 -17.59 25.29
C MET C 273 11.44 -17.00 24.31
N GLU C 274 12.01 -17.81 23.43
CA GLU C 274 13.02 -17.31 22.45
C GLU C 274 12.36 -16.25 21.54
N LEU C 275 11.20 -16.52 20.94
CA LEU C 275 10.49 -15.53 20.08
C LEU C 275 10.37 -14.18 20.81
N TYR C 276 9.82 -14.17 22.04
CA TYR C 276 9.60 -12.93 22.84
C TYR C 276 10.92 -12.17 23.05
N ASP C 277 12.02 -12.89 23.23
CA ASP C 277 13.35 -12.25 23.40
C ASP C 277 13.78 -11.63 22.05
N ARG C 278 13.57 -12.30 20.91
CA ARG C 278 14.15 -11.83 19.60
C ARG C 278 13.36 -10.63 19.03
N ILE C 279 12.09 -10.45 19.40
CA ILE C 279 11.25 -9.26 19.01
C ILE C 279 11.19 -8.25 20.17
N ASP C 280 12.04 -8.41 21.18
CA ASP C 280 12.18 -7.52 22.36
C ASP C 280 10.81 -7.26 23.02
N TYR C 281 10.05 -8.32 23.31
CA TYR C 281 8.67 -8.23 23.85
C TYR C 281 8.67 -7.35 25.11
N HIS C 282 9.70 -7.49 25.96
CA HIS C 282 9.73 -6.91 27.33
C HIS C 282 10.14 -5.42 27.29
N SER C 283 10.73 -4.93 26.20
CA SER C 283 11.07 -3.49 26.01
C SER C 283 9.80 -2.63 25.89
N PHE C 284 8.65 -3.26 25.64
CA PHE C 284 7.36 -2.55 25.38
C PHE C 284 6.70 -2.22 26.72
N GLU C 285 6.71 -3.14 27.69
CA GLU C 285 6.29 -2.88 29.11
C GLU C 285 7.22 -1.82 29.72
N GLN C 286 8.53 -2.00 29.57
CA GLN C 286 9.59 -1.09 30.09
C GLN C 286 9.45 0.31 29.47
N LYS C 287 9.06 0.40 28.19
CA LYS C 287 8.75 1.70 27.52
C LYS C 287 7.56 2.35 28.26
N LEU C 288 6.50 1.57 28.49
CA LEU C 288 5.25 2.03 29.17
C LEU C 288 5.57 2.64 30.54
N ASP C 289 6.33 1.93 31.38
CA ASP C 289 6.57 2.31 32.80
C ASP C 289 7.52 3.51 32.89
N ALA C 290 8.43 3.67 31.92
CA ALA C 290 9.32 4.86 31.77
C ALA C 290 8.51 6.10 31.35
N LEU C 291 7.54 5.95 30.44
CA LEU C 291 6.75 7.06 29.83
C LEU C 291 5.73 7.59 30.85
N PHE C 292 4.99 6.69 31.50
CA PHE C 292 3.79 6.96 32.35
C PHE C 292 3.99 6.41 33.75
N LEU D 6 -15.93 -21.71 -7.29
CA LEU D 6 -16.42 -21.61 -5.88
C LEU D 6 -15.78 -20.40 -5.19
N THR D 7 -16.52 -19.74 -4.29
CA THR D 7 -15.99 -18.61 -3.46
C THR D 7 -15.04 -19.16 -2.40
N PRO D 8 -14.06 -18.36 -1.90
CA PRO D 8 -13.20 -18.82 -0.81
C PRO D 8 -13.98 -19.34 0.41
N GLY D 9 -15.07 -18.68 0.80
CA GLY D 9 -15.91 -19.11 1.93
C GLY D 9 -16.54 -20.47 1.68
N GLN D 10 -17.04 -20.71 0.46
CA GLN D 10 -17.69 -21.99 0.07
C GLN D 10 -16.62 -23.09 0.21
N ARG D 11 -15.40 -22.82 -0.28
CA ARG D 11 -14.24 -23.74 -0.23
C ARG D 11 -13.89 -24.03 1.24
N PHE D 12 -14.00 -23.05 2.13
CA PHE D 12 -13.64 -23.23 3.57
C PHE D 12 -14.71 -24.07 4.30
N ARG D 13 -15.99 -23.80 4.04
CA ARG D 13 -17.14 -24.56 4.62
C ARG D 13 -17.09 -26.00 4.10
N GLU D 14 -16.81 -26.15 2.81
CA GLU D 14 -16.57 -27.45 2.11
C GLU D 14 -15.49 -28.24 2.87
N ALA D 15 -14.39 -27.60 3.27
CA ALA D 15 -13.24 -28.22 3.98
C ALA D 15 -13.67 -28.69 5.38
N VAL D 16 -14.26 -27.80 6.21
CA VAL D 16 -14.85 -28.16 7.54
C VAL D 16 -15.73 -29.40 7.38
N ALA D 17 -16.58 -29.43 6.35
CA ALA D 17 -17.62 -30.46 6.10
C ALA D 17 -16.99 -31.82 5.77
N THR D 18 -15.83 -31.87 5.09
CA THR D 18 -15.27 -33.11 4.50
C THR D 18 -13.94 -33.52 5.15
N GLU D 19 -13.58 -32.95 6.30
CA GLU D 19 -12.40 -33.34 7.11
C GLU D 19 -12.71 -33.10 8.59
N HIS D 20 -12.43 -34.09 9.45
CA HIS D 20 -13.02 -34.20 10.82
C HIS D 20 -11.95 -34.62 11.84
N PRO D 21 -11.25 -33.68 12.51
CA PRO D 21 -11.41 -32.24 12.30
C PRO D 21 -10.59 -31.76 11.08
N LEU D 22 -10.97 -30.63 10.47
CA LEU D 22 -10.20 -29.96 9.38
C LEU D 22 -8.94 -29.34 9.97
N GLN D 23 -7.76 -29.75 9.50
CA GLN D 23 -6.45 -29.20 9.95
C GLN D 23 -6.25 -27.87 9.20
N VAL D 24 -6.04 -26.79 9.93
CA VAL D 24 -5.78 -25.44 9.34
C VAL D 24 -4.41 -25.00 9.87
N VAL D 25 -3.41 -24.87 9.00
CA VAL D 25 -2.01 -24.52 9.40
C VAL D 25 -1.77 -23.05 9.07
N GLY D 26 -1.15 -22.35 10.02
CA GLY D 26 -0.57 -21.01 9.86
C GLY D 26 0.41 -20.97 8.71
N THR D 27 0.26 -20.00 7.82
CA THR D 27 1.18 -19.75 6.68
C THR D 27 1.65 -18.29 6.81
N ILE D 28 2.91 -18.12 7.17
CA ILE D 28 3.49 -16.79 7.50
C ILE D 28 3.61 -15.94 6.23
N ASN D 29 3.71 -16.57 5.05
CA ASN D 29 3.87 -15.81 3.77
C ASN D 29 3.39 -16.64 2.59
N ALA D 30 3.42 -16.07 1.39
CA ALA D 30 2.89 -16.70 0.16
C ALA D 30 3.68 -17.98 -0.11
N ASN D 31 4.98 -17.94 0.18
CA ASN D 31 5.89 -19.10 -0.07
C ASN D 31 5.37 -20.28 0.76
N HIS D 32 5.13 -20.07 2.05
CA HIS D 32 4.67 -21.14 2.97
C HIS D 32 3.22 -21.58 2.70
N ALA D 33 2.36 -20.71 2.18
CA ALA D 33 1.01 -21.14 1.74
C ALA D 33 1.11 -22.17 0.62
N LEU D 34 2.03 -21.99 -0.34
CA LEU D 34 2.25 -23.01 -1.41
C LEU D 34 2.77 -24.32 -0.82
N LEU D 35 3.68 -24.25 0.17
CA LEU D 35 4.23 -25.45 0.86
C LEU D 35 3.09 -26.18 1.54
N ALA D 36 2.16 -25.46 2.18
CA ALA D 36 1.04 -26.07 2.92
C ALA D 36 0.11 -26.77 1.93
N LYS D 37 -0.08 -26.16 0.75
CA LYS D 37 -0.99 -26.71 -0.28
C LYS D 37 -0.37 -28.01 -0.81
N ARG D 38 0.93 -28.00 -1.12
CA ARG D 38 1.66 -29.21 -1.59
C ARG D 38 1.60 -30.30 -0.52
N ALA D 39 1.76 -29.94 0.77
CA ALA D 39 1.74 -30.90 1.89
C ALA D 39 0.31 -31.49 2.08
N GLY D 40 -0.70 -30.95 1.39
CA GLY D 40 -2.03 -31.59 1.22
C GLY D 40 -3.12 -30.98 2.11
N PHE D 41 -2.83 -29.88 2.82
CA PHE D 41 -3.82 -29.16 3.66
C PHE D 41 -4.93 -28.57 2.78
N LYS D 42 -6.15 -28.48 3.33
CA LYS D 42 -7.36 -28.00 2.63
C LYS D 42 -7.69 -26.56 3.04
N ALA D 43 -7.03 -26.05 4.06
CA ALA D 43 -7.26 -24.71 4.64
C ALA D 43 -5.99 -24.22 5.32
N ILE D 44 -5.83 -22.91 5.34
CA ILE D 44 -4.62 -22.24 5.87
C ILE D 44 -5.08 -21.02 6.66
N TYR D 45 -4.13 -20.39 7.31
CA TYR D 45 -4.41 -19.42 8.39
C TYR D 45 -3.40 -18.30 8.35
N LEU D 46 -3.85 -17.07 8.53
CA LEU D 46 -2.96 -15.89 8.71
C LEU D 46 -3.10 -15.44 10.16
N SER D 47 -2.11 -15.79 10.98
CA SER D 47 -2.01 -15.48 12.43
C SER D 47 -1.74 -13.98 12.60
N GLY D 48 -2.48 -13.31 13.48
CA GLY D 48 -2.23 -11.89 13.77
C GLY D 48 -0.91 -11.74 14.50
N GLY D 49 -0.63 -12.63 15.46
CA GLY D 49 0.70 -12.72 16.09
C GLY D 49 1.82 -12.90 15.08
N GLY D 50 1.54 -13.62 13.98
CA GLY D 50 2.53 -13.87 12.91
C GLY D 50 2.78 -12.63 12.07
N VAL D 51 1.72 -11.91 11.71
CA VAL D 51 1.89 -10.64 10.97
C VAL D 51 2.76 -9.72 11.83
N ALA D 52 2.40 -9.59 13.11
CA ALA D 52 3.14 -8.77 14.08
C ALA D 52 4.59 -9.24 14.10
N ALA D 53 4.87 -10.50 14.49
CA ALA D 53 6.24 -10.94 14.87
C ALA D 53 7.06 -11.22 13.61
N GLY D 54 6.41 -11.75 12.57
CA GLY D 54 7.02 -12.21 11.32
C GLY D 54 7.15 -11.10 10.28
N SER D 55 6.02 -10.50 9.89
CA SER D 55 5.99 -9.43 8.86
C SER D 55 6.47 -8.09 9.46
N LEU D 56 6.19 -7.80 10.74
N LEU D 56 6.19 -7.81 10.73
CA LEU D 56 6.54 -6.45 11.28
CA LEU D 56 6.52 -6.47 11.27
C LEU D 56 7.71 -6.51 12.28
C LEU D 56 7.65 -6.52 12.32
N GLY D 57 8.09 -7.70 12.75
CA GLY D 57 9.14 -7.85 13.77
C GLY D 57 8.70 -7.24 15.09
N LEU D 58 7.39 -7.26 15.39
CA LEU D 58 6.76 -6.61 16.59
C LEU D 58 6.03 -7.63 17.44
N PRO D 59 5.89 -7.37 18.76
CA PRO D 59 5.03 -8.19 19.61
C PRO D 59 3.56 -8.01 19.22
N ASP D 60 2.73 -8.98 19.62
CA ASP D 60 1.29 -9.08 19.28
C ASP D 60 0.52 -8.21 20.29
N LEU D 61 0.70 -6.88 20.24
CA LEU D 61 0.15 -5.89 21.21
C LEU D 61 -0.75 -4.87 20.49
N GLY D 62 -1.39 -5.25 19.40
CA GLY D 62 -2.37 -4.42 18.67
C GLY D 62 -1.70 -3.26 17.95
N ILE D 63 -0.44 -3.41 17.53
CA ILE D 63 0.29 -2.34 16.81
C ILE D 63 0.02 -2.52 15.31
N SER D 64 0.16 -3.75 14.84
CA SER D 64 -0.30 -4.25 13.53
C SER D 64 -1.77 -3.90 13.40
N GLY D 65 -2.20 -3.36 12.26
CA GLY D 65 -3.60 -3.00 11.97
C GLY D 65 -4.02 -3.56 10.63
N LEU D 66 -5.16 -3.08 10.10
CA LEU D 66 -5.87 -3.73 8.98
C LEU D 66 -4.97 -3.78 7.73
N ASP D 67 -4.25 -2.71 7.42
CA ASP D 67 -3.43 -2.63 6.17
C ASP D 67 -2.26 -3.62 6.27
N ASP D 68 -1.67 -3.86 7.45
CA ASP D 68 -0.56 -4.84 7.59
C ASP D 68 -1.07 -6.23 7.22
N VAL D 69 -2.20 -6.62 7.82
CA VAL D 69 -2.84 -7.94 7.58
C VAL D 69 -3.25 -8.04 6.10
N LEU D 70 -3.88 -7.03 5.52
CA LEU D 70 -4.45 -7.14 4.14
C LEU D 70 -3.31 -7.31 3.12
N THR D 71 -2.14 -6.73 3.38
CA THR D 71 -0.96 -6.91 2.51
C THR D 71 -0.67 -8.41 2.45
N ASP D 72 -0.72 -9.08 3.61
CA ASP D 72 -0.33 -10.51 3.70
C ASP D 72 -1.48 -11.34 3.12
N VAL D 73 -2.73 -10.94 3.34
CA VAL D 73 -3.88 -11.63 2.71
C VAL D 73 -3.70 -11.60 1.16
N ARG D 74 -3.50 -10.43 0.58
CA ARG D 74 -3.44 -10.29 -0.89
C ARG D 74 -2.26 -11.11 -1.43
N ARG D 75 -1.06 -11.00 -0.82
CA ARG D 75 0.15 -11.78 -1.21
C ARG D 75 -0.17 -13.27 -1.23
N ILE D 76 -0.83 -13.78 -0.20
CA ILE D 76 -1.13 -15.24 -0.11
C ILE D 76 -2.23 -15.63 -1.10
N THR D 77 -3.33 -14.88 -1.14
CA THR D 77 -4.53 -15.28 -1.93
C THR D 77 -4.26 -15.03 -3.43
N ASP D 78 -3.28 -14.23 -3.80
CA ASP D 78 -2.96 -13.99 -5.23
C ASP D 78 -2.39 -15.28 -5.86
N VAL D 79 -1.67 -16.11 -5.10
CA VAL D 79 -0.93 -17.29 -5.68
C VAL D 79 -1.45 -18.62 -5.14
N CYS D 80 -2.18 -18.64 -4.02
CA CYS D 80 -2.62 -19.92 -3.39
C CYS D 80 -4.15 -19.88 -3.21
N ASP D 81 -4.86 -20.92 -3.65
CA ASP D 81 -6.34 -20.88 -3.72
C ASP D 81 -6.95 -21.62 -2.54
N LEU D 82 -6.12 -22.04 -1.58
CA LEU D 82 -6.64 -22.67 -0.35
C LEU D 82 -7.39 -21.59 0.42
N PRO D 83 -8.56 -21.93 1.01
CA PRO D 83 -9.31 -21.00 1.84
C PRO D 83 -8.47 -20.55 3.05
N LEU D 84 -8.38 -19.23 3.22
CA LEU D 84 -7.52 -18.61 4.25
C LEU D 84 -8.39 -18.03 5.37
N LEU D 85 -8.17 -18.51 6.59
CA LEU D 85 -8.81 -17.99 7.81
C LEU D 85 -7.93 -16.86 8.32
N VAL D 86 -8.49 -15.67 8.52
CA VAL D 86 -7.72 -14.48 8.97
C VAL D 86 -8.15 -14.01 10.35
N ASP D 87 -7.13 -13.83 11.18
CA ASP D 87 -7.23 -13.29 12.56
C ASP D 87 -7.37 -11.78 12.39
N VAL D 88 -8.50 -11.21 12.81
CA VAL D 88 -8.73 -9.75 12.68
C VAL D 88 -8.82 -9.09 14.05
N ASP D 89 -8.26 -9.74 15.08
CA ASP D 89 -8.28 -9.17 16.45
C ASP D 89 -9.73 -8.87 16.84
N THR D 90 -9.99 -7.63 17.27
CA THR D 90 -11.35 -7.16 17.67
C THR D 90 -12.06 -6.43 16.52
N GLY D 91 -11.41 -6.31 15.36
CA GLY D 91 -12.03 -5.72 14.15
C GLY D 91 -11.29 -4.51 13.59
N PHE D 92 -10.15 -4.13 14.16
CA PHE D 92 -9.28 -3.02 13.71
C PHE D 92 -10.05 -1.68 13.77
N GLY D 93 -10.43 -1.33 14.98
CA GLY D 93 -11.20 -0.12 15.31
C GLY D 93 -12.40 -0.48 16.16
N SER D 94 -12.77 0.39 17.09
CA SER D 94 -13.80 0.15 18.12
C SER D 94 -15.22 0.36 17.58
N SER D 95 -15.39 0.91 16.37
CA SER D 95 -16.73 1.26 15.85
C SER D 95 -17.29 0.12 14.99
N ALA D 96 -18.61 0.01 14.87
CA ALA D 96 -19.28 -0.95 13.95
C ALA D 96 -18.85 -0.63 12.51
N PHE D 97 -18.52 0.64 12.21
CA PHE D 97 -18.03 1.09 10.88
C PHE D 97 -16.65 0.46 10.59
N ASN D 98 -15.79 0.39 11.62
CA ASN D 98 -14.45 -0.22 11.53
C ASN D 98 -14.57 -1.72 11.24
N VAL D 99 -15.46 -2.42 11.97
CA VAL D 99 -15.69 -3.88 11.80
C VAL D 99 -16.23 -4.16 10.40
N ALA D 100 -17.13 -3.32 9.91
CA ALA D 100 -17.71 -3.37 8.55
C ALA D 100 -16.59 -3.26 7.50
N ARG D 101 -15.66 -2.31 7.66
CA ARG D 101 -14.61 -2.10 6.63
C ARG D 101 -13.66 -3.31 6.62
N THR D 102 -13.39 -3.89 7.79
CA THR D 102 -12.56 -5.11 7.97
C THR D 102 -13.22 -6.24 7.18
N VAL D 103 -14.51 -6.52 7.42
CA VAL D 103 -15.21 -7.63 6.73
C VAL D 103 -15.10 -7.44 5.22
N LYS D 104 -15.50 -6.28 4.72
CA LYS D 104 -15.63 -5.96 3.27
C LYS D 104 -14.26 -6.07 2.59
N SER D 105 -13.18 -5.63 3.26
CA SER D 105 -11.78 -5.68 2.76
C SER D 105 -11.28 -7.13 2.72
N MET D 106 -11.52 -7.92 3.77
CA MET D 106 -11.16 -9.37 3.83
C MET D 106 -11.85 -10.13 2.69
N ILE D 107 -13.12 -9.84 2.43
CA ILE D 107 -13.85 -10.48 1.29
C ILE D 107 -13.16 -10.04 0.00
N LYS D 108 -12.92 -8.73 -0.15
CA LYS D 108 -12.41 -8.18 -1.42
C LYS D 108 -11.04 -8.79 -1.74
N PHE D 109 -10.14 -8.84 -0.76
CA PHE D 109 -8.70 -9.21 -0.87
C PHE D 109 -8.55 -10.74 -0.90
N GLY D 110 -9.63 -11.51 -0.77
CA GLY D 110 -9.66 -12.95 -1.12
C GLY D 110 -9.79 -13.90 0.07
N ALA D 111 -9.89 -13.39 1.29
CA ALA D 111 -9.98 -14.21 2.52
C ALA D 111 -11.29 -15.01 2.49
N ALA D 112 -11.28 -16.18 3.10
CA ALA D 112 -12.40 -17.14 3.11
C ALA D 112 -13.15 -17.03 4.44
N ALA D 113 -12.43 -16.79 5.52
CA ALA D 113 -13.00 -16.71 6.88
C ALA D 113 -12.24 -15.65 7.66
N MET D 114 -12.78 -15.22 8.80
CA MET D 114 -12.07 -14.41 9.81
C MET D 114 -12.56 -14.78 11.21
N HIS D 115 -11.67 -14.65 12.20
CA HIS D 115 -12.09 -14.70 13.61
C HIS D 115 -11.97 -13.32 14.24
N ILE D 116 -13.00 -12.95 15.00
CA ILE D 116 -13.09 -11.66 15.75
C ILE D 116 -13.39 -12.01 17.21
N GLU D 117 -12.71 -11.36 18.15
CA GLU D 117 -12.63 -11.83 19.57
C GLU D 117 -13.25 -10.78 20.51
N ASP D 118 -13.42 -11.13 21.78
CA ASP D 118 -14.16 -10.29 22.76
C ASP D 118 -13.19 -9.60 23.72
N GLN D 119 -11.92 -9.47 23.35
CA GLN D 119 -10.92 -8.68 24.11
C GLN D 119 -11.32 -7.20 24.09
N VAL D 120 -10.91 -6.44 25.12
CA VAL D 120 -11.24 -5.00 25.33
C VAL D 120 -10.42 -4.13 24.36
N GLU D 132 -8.82 -9.25 30.13
CA GLU D 132 -10.20 -8.70 30.35
C GLU D 132 -10.98 -8.73 29.03
N ILE D 133 -12.29 -8.99 29.10
CA ILE D 133 -13.21 -9.13 27.92
C ILE D 133 -14.32 -8.06 27.97
N VAL D 134 -15.10 -7.97 26.89
CA VAL D 134 -16.29 -7.09 26.78
C VAL D 134 -17.53 -7.88 27.21
N SER D 135 -18.61 -7.17 27.57
CA SER D 135 -19.93 -7.74 27.92
C SER D 135 -20.45 -8.58 26.74
N GLN D 136 -21.37 -9.50 27.03
CA GLN D 136 -22.00 -10.41 26.03
C GLN D 136 -22.62 -9.57 24.91
N GLN D 137 -23.35 -8.50 25.26
CA GLN D 137 -24.08 -7.68 24.27
C GLN D 137 -23.06 -6.97 23.37
N GLU D 138 -21.96 -6.48 23.94
CA GLU D 138 -20.89 -5.75 23.24
C GLU D 138 -20.20 -6.69 22.25
N MET D 139 -20.08 -7.97 22.62
CA MET D 139 -19.53 -9.02 21.72
C MET D 139 -20.60 -9.37 20.68
N VAL D 140 -21.88 -9.45 21.07
CA VAL D 140 -22.99 -9.75 20.10
C VAL D 140 -22.99 -8.63 19.06
N ASP D 141 -22.72 -7.39 19.49
CA ASP D 141 -22.84 -6.16 18.65
C ASP D 141 -21.73 -6.15 17.58
N ARG D 142 -20.52 -6.58 17.94
CA ARG D 142 -19.43 -6.81 16.94
C ARG D 142 -19.88 -7.80 15.87
N ILE D 143 -20.39 -8.96 16.29
CA ILE D 143 -20.80 -10.05 15.35
C ILE D 143 -21.90 -9.53 14.43
N LYS D 144 -22.91 -8.83 14.97
CA LYS D 144 -24.03 -8.28 14.16
C LYS D 144 -23.45 -7.30 13.13
N ALA D 145 -22.47 -6.46 13.53
CA ALA D 145 -21.76 -5.49 12.66
C ALA D 145 -21.08 -6.22 11.51
N ALA D 146 -20.29 -7.24 11.84
CA ALA D 146 -19.56 -8.08 10.86
C ALA D 146 -20.56 -8.79 9.96
N VAL D 147 -21.59 -9.42 10.55
CA VAL D 147 -22.60 -10.17 9.75
C VAL D 147 -23.32 -9.20 8.81
N ASP D 148 -23.72 -8.04 9.30
CA ASP D 148 -24.44 -7.03 8.48
C ASP D 148 -23.54 -6.60 7.30
N ALA D 149 -22.23 -6.53 7.48
CA ALA D 149 -21.28 -6.05 6.45
C ALA D 149 -21.02 -7.11 5.37
N ARG D 150 -21.28 -8.38 5.67
CA ARG D 150 -20.89 -9.48 4.76
C ARG D 150 -21.61 -9.31 3.41
N SER D 151 -20.88 -8.99 2.34
CA SER D 151 -21.43 -8.91 0.96
C SER D 151 -21.71 -10.34 0.44
N ASP D 152 -20.84 -11.30 0.76
CA ASP D 152 -20.92 -12.73 0.33
C ASP D 152 -21.15 -13.60 1.56
N ASP D 153 -22.35 -14.14 1.73
CA ASP D 153 -22.78 -14.89 2.93
C ASP D 153 -22.01 -16.20 3.07
N SER D 154 -21.33 -16.69 2.03
CA SER D 154 -20.44 -17.89 2.11
C SER D 154 -19.19 -17.54 2.93
N PHE D 155 -18.84 -16.25 3.04
CA PHE D 155 -17.67 -15.80 3.83
C PHE D 155 -17.92 -16.13 5.30
N VAL D 156 -16.97 -16.80 5.97
CA VAL D 156 -17.22 -17.37 7.32
C VAL D 156 -16.78 -16.37 8.40
N ILE D 157 -17.68 -16.05 9.33
CA ILE D 157 -17.42 -15.20 10.52
C ILE D 157 -17.41 -16.12 11.73
N MET D 158 -16.24 -16.25 12.34
CA MET D 158 -15.92 -17.10 13.50
C MET D 158 -15.76 -16.20 14.72
N ALA D 159 -16.60 -16.42 15.73
CA ALA D 159 -16.56 -15.67 16.99
C ALA D 159 -15.54 -16.35 17.88
N ARG D 160 -14.62 -15.56 18.42
CA ARG D 160 -13.55 -16.04 19.31
C ARG D 160 -13.82 -15.48 20.69
N THR D 161 -13.87 -16.35 21.71
CA THR D 161 -14.25 -15.92 23.08
C THR D 161 -13.21 -16.41 24.09
N ASP D 162 -12.83 -15.50 25.00
CA ASP D 162 -12.00 -15.79 26.20
C ASP D 162 -12.91 -15.84 27.45
N ALA D 163 -14.18 -16.21 27.30
CA ALA D 163 -15.21 -16.16 28.37
C ALA D 163 -15.02 -17.28 29.40
N LEU D 164 -14.40 -18.40 29.00
CA LEU D 164 -14.19 -19.60 29.87
C LEU D 164 -13.09 -19.31 30.89
N ALA D 165 -12.10 -18.50 30.51
CA ALA D 165 -10.96 -18.09 31.38
C ALA D 165 -11.47 -17.17 32.50
N VAL D 166 -12.46 -16.31 32.18
CA VAL D 166 -12.95 -15.19 33.05
C VAL D 166 -14.21 -15.64 33.80
N GLU D 167 -15.25 -16.08 33.08
CA GLU D 167 -16.65 -16.22 33.57
C GLU D 167 -17.10 -17.69 33.65
N GLY D 168 -16.19 -18.66 33.46
CA GLY D 168 -16.48 -20.10 33.57
C GLY D 168 -17.15 -20.67 32.34
N LEU D 169 -17.23 -22.00 32.25
CA LEU D 169 -17.65 -22.78 31.05
C LEU D 169 -19.12 -22.50 30.68
N GLN D 170 -19.99 -22.27 31.67
CA GLN D 170 -21.44 -22.11 31.42
C GLN D 170 -21.63 -20.75 30.72
N ALA D 171 -20.91 -19.72 31.17
CA ALA D 171 -20.85 -18.40 30.52
C ALA D 171 -20.37 -18.58 29.07
N ALA D 172 -19.24 -19.26 28.87
CA ALA D 172 -18.63 -19.50 27.55
C ALA D 172 -19.67 -20.07 26.57
N ILE D 173 -20.40 -21.14 26.94
CA ILE D 173 -21.50 -21.75 26.12
C ILE D 173 -22.54 -20.67 25.79
N ASP D 174 -22.90 -19.85 26.78
CA ASP D 174 -24.02 -18.86 26.70
C ASP D 174 -23.63 -17.76 25.69
N ARG D 175 -22.42 -17.21 25.85
CA ARG D 175 -21.87 -16.14 24.98
C ARG D 175 -21.78 -16.65 23.54
N ALA D 176 -21.15 -17.81 23.34
CA ALA D 176 -21.04 -18.54 22.06
C ALA D 176 -22.40 -18.65 21.38
N CYS D 177 -23.40 -19.12 22.13
CA CYS D 177 -24.78 -19.35 21.63
C CYS D 177 -25.38 -18.01 21.19
N ALA D 178 -25.15 -16.95 21.97
CA ALA D 178 -25.60 -15.57 21.68
C ALA D 178 -24.90 -15.05 20.42
N CYS D 179 -23.63 -15.40 20.21
CA CYS D 179 -22.86 -15.06 18.98
C CYS D 179 -23.45 -15.85 17.82
N VAL D 180 -23.77 -17.13 18.02
CA VAL D 180 -24.36 -17.97 16.94
C VAL D 180 -25.70 -17.35 16.52
N GLU D 181 -26.50 -16.92 17.50
CA GLU D 181 -27.80 -16.23 17.29
C GLU D 181 -27.59 -14.99 16.40
N ALA D 182 -26.51 -14.24 16.66
CA ALA D 182 -26.14 -12.99 15.94
C ALA D 182 -25.62 -13.29 14.52
N GLY D 183 -25.30 -14.55 14.21
CA GLY D 183 -25.00 -15.05 12.84
C GLY D 183 -23.57 -15.56 12.68
N ALA D 184 -22.75 -15.48 13.73
CA ALA D 184 -21.43 -16.17 13.83
C ALA D 184 -21.61 -17.59 13.28
N ASP D 185 -20.76 -17.99 12.34
CA ASP D 185 -20.89 -19.28 11.60
C ASP D 185 -20.25 -20.40 12.41
N MET D 186 -19.18 -20.08 13.13
CA MET D 186 -18.32 -21.05 13.83
C MET D 186 -17.78 -20.36 15.09
N ILE D 187 -17.32 -21.14 16.05
CA ILE D 187 -16.87 -20.65 17.37
C ILE D 187 -15.45 -21.15 17.63
N PHE D 188 -14.65 -20.28 18.23
CA PHE D 188 -13.22 -20.45 18.56
C PHE D 188 -13.11 -20.12 20.04
N PRO D 189 -13.39 -21.09 20.93
CA PRO D 189 -13.26 -20.90 22.37
C PRO D 189 -11.75 -20.80 22.65
N GLU D 190 -11.36 -20.15 23.75
CA GLU D 190 -9.91 -19.98 23.98
C GLU D 190 -9.37 -20.92 25.08
N ALA D 191 -8.38 -21.73 24.71
CA ALA D 191 -7.60 -22.61 25.63
C ALA D 191 -8.40 -23.64 26.46
N MET D 192 -8.92 -24.71 25.85
CA MET D 192 -9.58 -25.79 26.64
C MET D 192 -8.54 -26.90 26.90
N THR D 193 -8.31 -27.25 28.17
CA THR D 193 -7.23 -28.22 28.53
C THR D 193 -7.73 -29.66 28.64
N GLU D 194 -9.03 -29.91 28.45
CA GLU D 194 -9.64 -31.28 28.54
C GLU D 194 -10.61 -31.52 27.37
N LEU D 195 -10.57 -32.70 26.76
CA LEU D 195 -11.49 -33.12 25.68
C LEU D 195 -12.96 -33.12 26.13
N ALA D 196 -13.20 -33.42 27.42
CA ALA D 196 -14.57 -33.44 27.96
C ALA D 196 -15.18 -32.04 27.85
N MET D 197 -14.39 -31.01 28.13
CA MET D 197 -14.88 -29.63 28.01
C MET D 197 -15.23 -29.35 26.54
N TYR D 198 -14.37 -29.78 25.63
CA TYR D 198 -14.63 -29.57 24.18
C TYR D 198 -15.89 -30.32 23.73
N LYS D 199 -16.06 -31.56 24.19
CA LYS D 199 -17.22 -32.42 23.78
C LYS D 199 -18.53 -31.73 24.15
N GLU D 200 -18.59 -31.19 25.37
CA GLU D 200 -19.77 -30.50 25.95
C GLU D 200 -20.02 -29.19 25.17
N PHE D 201 -18.96 -28.41 24.94
CA PHE D 201 -19.01 -27.10 24.23
C PHE D 201 -19.56 -27.35 22.81
N ALA D 202 -19.01 -28.34 22.09
CA ALA D 202 -19.44 -28.65 20.71
C ALA D 202 -20.92 -28.99 20.70
N ALA D 203 -21.41 -29.73 21.70
CA ALA D 203 -22.80 -30.27 21.74
C ALA D 203 -23.80 -29.15 22.09
N ALA D 204 -23.39 -28.20 22.93
CA ALA D 204 -24.18 -27.02 23.35
C ALA D 204 -24.30 -25.98 22.22
N VAL D 205 -23.22 -25.73 21.47
CA VAL D 205 -23.23 -24.64 20.45
C VAL D 205 -23.74 -25.09 19.07
N LYS D 206 -23.68 -26.39 18.74
CA LYS D 206 -24.13 -27.01 17.45
C LYS D 206 -23.19 -26.72 16.27
N VAL D 207 -22.85 -25.46 16.02
CA VAL D 207 -21.98 -25.02 14.88
C VAL D 207 -20.53 -25.45 15.12
N PRO D 208 -19.72 -25.58 14.05
CA PRO D 208 -18.33 -26.00 14.14
C PRO D 208 -17.52 -25.21 15.18
N VAL D 209 -16.79 -25.95 16.00
CA VAL D 209 -15.86 -25.44 17.05
C VAL D 209 -14.42 -25.66 16.57
N LEU D 210 -13.56 -24.67 16.86
CA LEU D 210 -12.11 -24.70 16.50
C LEU D 210 -11.30 -24.86 17.78
N ALA D 211 -10.39 -25.85 17.79
CA ALA D 211 -9.38 -26.11 18.82
C ALA D 211 -8.07 -25.48 18.36
N ASN D 212 -7.62 -24.45 19.07
CA ASN D 212 -6.31 -23.80 18.85
C ASN D 212 -5.24 -24.62 19.56
N ILE D 213 -4.45 -25.37 18.80
CA ILE D 213 -3.33 -26.19 19.35
C ILE D 213 -2.01 -25.52 19.00
N THR D 214 -1.58 -24.55 19.80
CA THR D 214 -0.26 -23.88 19.65
C THR D 214 0.77 -24.62 20.50
N GLU D 215 2.05 -24.30 20.32
CA GLU D 215 3.19 -24.86 21.09
C GLU D 215 3.51 -23.96 22.29
N PHE D 216 4.06 -24.55 23.36
CA PHE D 216 4.64 -23.86 24.54
C PHE D 216 3.54 -23.12 25.32
N GLY D 217 2.29 -23.59 25.21
CA GLY D 217 1.09 -22.99 25.86
C GLY D 217 0.67 -23.81 27.08
N ALA D 218 -0.53 -23.58 27.62
CA ALA D 218 -1.10 -24.37 28.75
C ALA D 218 -1.83 -25.60 28.19
N THR D 219 -2.44 -25.47 27.01
CA THR D 219 -3.19 -26.51 26.27
C THR D 219 -2.32 -27.74 26.01
N PRO D 220 -2.85 -28.99 26.16
CA PRO D 220 -2.16 -30.19 25.67
C PRO D 220 -2.09 -30.25 24.13
N LEU D 221 -1.13 -31.02 23.63
CA LEU D 221 -0.94 -31.24 22.18
C LEU D 221 -1.84 -32.39 21.73
N PHE D 222 -3.14 -32.11 21.69
CA PHE D 222 -4.22 -33.05 21.29
C PHE D 222 -4.01 -33.41 19.83
N THR D 223 -4.32 -34.66 19.48
CA THR D 223 -4.18 -35.23 18.12
C THR D 223 -5.52 -35.02 17.43
N THR D 224 -5.56 -35.12 16.10
CA THR D 224 -6.82 -35.09 15.30
C THR D 224 -7.81 -36.16 15.81
N ASP D 225 -7.31 -37.36 16.11
CA ASP D 225 -8.12 -38.49 16.64
C ASP D 225 -8.83 -38.08 17.92
N GLU D 226 -8.08 -37.55 18.90
CA GLU D 226 -8.64 -37.11 20.20
C GLU D 226 -9.74 -36.09 19.93
N LEU D 227 -9.45 -35.04 19.16
CA LEU D 227 -10.39 -33.89 18.95
C LEU D 227 -11.63 -34.34 18.15
N ALA D 228 -11.52 -35.34 17.26
CA ALA D 228 -12.63 -35.93 16.47
C ALA D 228 -13.64 -36.63 17.38
N SER D 229 -13.18 -37.15 18.54
CA SER D 229 -14.01 -37.88 19.54
C SER D 229 -14.57 -36.88 20.56
N ALA D 230 -14.07 -35.65 20.58
CA ALA D 230 -14.67 -34.52 21.34
C ALA D 230 -15.55 -33.67 20.41
N ASP D 231 -15.79 -34.12 19.18
CA ASP D 231 -16.73 -33.50 18.20
C ASP D 231 -16.25 -32.11 17.75
N VAL D 232 -14.93 -31.85 17.88
CA VAL D 232 -14.19 -30.64 17.39
C VAL D 232 -14.12 -30.69 15.85
N SER D 233 -14.45 -29.58 15.17
CA SER D 233 -14.65 -29.50 13.70
C SER D 233 -13.40 -28.99 12.99
N LEU D 234 -12.64 -28.07 13.62
CA LEU D 234 -11.35 -27.56 13.06
C LEU D 234 -10.29 -27.70 14.15
N VAL D 235 -9.03 -27.85 13.73
CA VAL D 235 -7.83 -27.76 14.60
C VAL D 235 -6.83 -26.82 13.93
N LEU D 236 -6.38 -25.81 14.67
CA LEU D 236 -5.48 -24.73 14.23
C LEU D 236 -4.08 -24.97 14.77
N TYR D 237 -3.08 -24.87 13.91
CA TYR D 237 -1.63 -24.80 14.24
C TYR D 237 -1.15 -23.44 13.81
N PRO D 238 -1.30 -22.39 14.63
CA PRO D 238 -1.17 -21.00 14.15
C PRO D 238 0.24 -20.58 13.70
N LEU D 239 1.29 -21.01 14.41
CA LEU D 239 2.66 -20.48 14.22
C LEU D 239 3.66 -21.63 14.05
N SER D 240 3.20 -22.89 13.99
CA SER D 240 4.09 -24.09 13.98
C SER D 240 5.21 -23.95 12.94
N ALA D 241 4.86 -23.71 11.67
CA ALA D 241 5.85 -23.65 10.57
C ALA D 241 6.82 -22.49 10.83
N PHE D 242 6.32 -21.36 11.32
CA PHE D 242 7.09 -20.13 11.59
C PHE D 242 8.14 -20.39 12.67
N ARG D 243 7.77 -21.08 13.75
CA ARG D 243 8.73 -21.28 14.87
C ARG D 243 9.93 -22.11 14.35
N ALA D 244 9.71 -23.09 13.48
CA ALA D 244 10.81 -23.95 12.94
C ALA D 244 11.65 -23.13 11.93
N MET D 245 10.99 -22.33 11.10
CA MET D 245 11.63 -21.39 10.13
C MET D 245 12.62 -20.47 10.87
N ASN D 246 12.26 -19.95 12.05
CA ASN D 246 13.09 -18.94 12.77
C ASN D 246 14.34 -19.61 13.36
N LYS D 247 14.19 -20.79 13.95
CA LYS D 247 15.36 -21.53 14.52
C LYS D 247 16.35 -21.86 13.38
N ALA D 248 15.85 -22.31 12.23
CA ALA D 248 16.64 -22.68 11.02
C ALA D 248 17.36 -21.44 10.49
N ALA D 249 16.65 -20.33 10.39
CA ALA D 249 17.25 -19.06 9.95
C ALA D 249 18.32 -18.62 10.95
N GLU D 250 18.00 -18.66 12.22
CA GLU D 250 18.98 -18.26 13.24
C GLU D 250 20.22 -19.15 13.15
N ASN D 251 20.04 -20.45 12.98
CA ASN D 251 21.16 -21.40 12.82
C ASN D 251 22.01 -21.01 11.59
N VAL D 252 21.37 -20.61 10.50
CA VAL D 252 22.15 -20.14 9.33
C VAL D 252 22.95 -18.90 9.73
N TYR D 253 22.33 -17.87 10.29
CA TYR D 253 23.05 -16.62 10.62
C TYR D 253 24.19 -16.90 11.59
N THR D 254 23.95 -17.74 12.58
CA THR D 254 25.01 -18.02 13.58
C THR D 254 26.24 -18.63 12.90
N ALA D 255 26.02 -19.60 12.01
CA ALA D 255 27.10 -20.34 11.35
C ALA D 255 27.86 -19.42 10.41
N ILE D 256 27.14 -18.64 9.62
CA ILE D 256 27.85 -17.70 8.72
C ILE D 256 28.75 -16.76 9.50
N ARG D 257 28.31 -16.22 10.63
CA ARG D 257 29.10 -15.24 11.39
C ARG D 257 30.27 -15.93 12.08
N ARG D 258 30.04 -17.15 12.52
CA ARG D 258 31.07 -17.91 13.24
C ARG D 258 32.12 -18.44 12.26
N ASP D 259 31.67 -19.05 11.18
CA ASP D 259 32.56 -19.73 10.22
C ASP D 259 33.14 -18.83 9.11
N GLY D 260 32.60 -17.64 8.86
CA GLY D 260 32.98 -16.80 7.71
C GLY D 260 32.61 -17.44 6.37
N THR D 261 31.63 -18.32 6.39
CA THR D 261 31.10 -19.09 5.23
C THR D 261 29.82 -19.74 5.73
N GLN D 262 28.95 -20.16 4.82
CA GLN D 262 27.72 -20.98 5.08
C GLN D 262 27.99 -22.48 4.87
N LYS D 263 29.27 -22.88 4.72
CA LYS D 263 29.65 -24.25 4.28
C LYS D 263 28.94 -25.28 5.17
N ASN D 264 29.00 -25.08 6.48
CA ASN D 264 28.61 -26.07 7.52
C ASN D 264 27.10 -26.03 7.78
N VAL D 265 26.30 -25.30 7.00
CA VAL D 265 24.81 -25.33 7.16
C VAL D 265 24.10 -25.52 5.81
N ILE D 266 24.83 -25.84 4.77
CA ILE D 266 24.19 -26.08 3.44
C ILE D 266 23.28 -27.28 3.53
N ASP D 267 23.59 -28.22 4.41
CA ASP D 267 22.78 -29.46 4.59
C ASP D 267 21.36 -29.18 5.15
N THR D 268 21.11 -28.05 5.75
CA THR D 268 19.74 -27.76 6.26
C THR D 268 18.90 -26.93 5.26
N MET D 269 19.42 -26.69 4.06
CA MET D 269 18.80 -25.74 3.11
C MET D 269 17.98 -26.50 2.07
N GLN D 270 16.75 -26.01 1.82
CA GLN D 270 15.99 -26.31 0.58
C GLN D 270 16.95 -25.99 -0.59
N THR D 271 17.08 -26.89 -1.56
CA THR D 271 17.91 -26.65 -2.77
C THR D 271 17.19 -25.68 -3.71
N ARG D 272 17.97 -24.98 -4.54
CA ARG D 272 17.47 -24.22 -5.72
C ARG D 272 16.40 -25.02 -6.44
N MET D 273 16.71 -26.28 -6.77
CA MET D 273 15.81 -27.19 -7.56
C MET D 273 14.47 -27.37 -6.83
N GLU D 274 14.50 -27.55 -5.51
CA GLU D 274 13.25 -27.73 -4.72
C GLU D 274 12.45 -26.40 -4.72
N LEU D 275 13.12 -25.29 -4.46
CA LEU D 275 12.50 -23.94 -4.47
C LEU D 275 11.80 -23.74 -5.82
N TYR D 276 12.48 -24.00 -6.93
CA TYR D 276 11.92 -23.86 -8.29
C TYR D 276 10.67 -24.71 -8.42
N ASP D 277 10.64 -25.90 -7.82
CA ASP D 277 9.46 -26.79 -7.89
C ASP D 277 8.36 -26.23 -6.97
N ARG D 278 8.71 -25.72 -5.79
CA ARG D 278 7.73 -25.20 -4.78
C ARG D 278 7.05 -23.90 -5.27
N ILE D 279 7.69 -23.12 -6.15
CA ILE D 279 7.09 -21.85 -6.69
C ILE D 279 6.78 -22.04 -8.17
N ASP D 280 6.81 -23.29 -8.64
CA ASP D 280 6.45 -23.74 -10.00
C ASP D 280 7.11 -22.87 -11.07
N TYR D 281 8.43 -22.68 -10.98
CA TYR D 281 9.25 -21.83 -11.89
C TYR D 281 9.02 -22.26 -13.34
N HIS D 282 9.00 -23.57 -13.62
CA HIS D 282 9.05 -24.10 -15.01
C HIS D 282 7.68 -24.01 -15.68
N SER D 283 6.57 -23.93 -14.91
CA SER D 283 5.19 -23.71 -15.42
C SER D 283 5.05 -22.34 -16.10
N PHE D 284 5.91 -21.38 -15.75
CA PHE D 284 5.96 -20.02 -16.36
C PHE D 284 6.53 -20.12 -17.78
N GLU D 285 7.49 -21.04 -18.02
CA GLU D 285 8.06 -21.40 -19.35
C GLU D 285 7.02 -22.13 -20.21
N GLN D 286 6.30 -23.08 -19.62
CA GLN D 286 5.24 -23.90 -20.29
C GLN D 286 4.03 -23.03 -20.63
N LYS D 287 3.92 -21.83 -20.03
CA LYS D 287 2.89 -20.80 -20.37
C LYS D 287 3.35 -19.99 -21.60
N LEU D 288 4.66 -19.73 -21.72
CA LEU D 288 5.28 -18.99 -22.85
C LEU D 288 5.10 -19.76 -24.18
N ASP D 289 5.12 -21.09 -24.14
CA ASP D 289 5.01 -21.97 -25.34
C ASP D 289 3.53 -22.17 -25.69
N ALA D 290 2.66 -22.43 -24.68
CA ALA D 290 1.21 -22.68 -24.81
C ALA D 290 0.45 -21.41 -25.23
N LEU D 291 1.03 -20.23 -25.00
CA LEU D 291 0.40 -18.91 -25.29
C LEU D 291 1.03 -18.29 -26.56
N PHE D 292 2.32 -18.52 -26.81
CA PHE D 292 3.12 -17.90 -27.92
C PHE D 292 3.94 -18.98 -28.63
#